data_2W91
#
_entry.id   2W91
#
_cell.length_a   135.060
_cell.length_b   58.850
_cell.length_c   96.670
_cell.angle_alpha   90.00
_cell.angle_beta   110.37
_cell.angle_gamma   90.00
#
_symmetry.space_group_name_H-M   'C 1 2 1'
#
loop_
_entity.id
_entity.type
_entity.pdbx_description
1 polymer 'ENDO-BETA-N-ACETYLGLUCOSAMINIDASE D'
2 non-polymer 'PENTAETHYLENE GLYCOL'
3 water water
#
_entity_poly.entity_id   1
_entity_poly.type   'polypeptide(L)'
_entity_poly.pdbx_seq_one_letter_code
;GSHMKTLKPKEIKFNSWEELLKWEPGAREDDAINRGSVVLASRRTGHLVNEKASKEAKVQALSNTNSKAKDHASVGGEEF
KAYAFDYWQYLDSMVFWEGLVPTPDVIDAGHRNGVPVYGTLFFNWSNSIADQERFAEALKQDADGSFPIARKLVDMAKYY
GYDGYFINQETTGDLVKPLGEKMRQFMLYSKEYAAKVNHPIKYSWYDAMTYNYGRYHQDGLGEYNYQFMQPEGDKVPADN
FFANFNWDKAKNDYTIATANWIGRNPYDVFAGLELQQGGSYKTKVKWNDILDENGKLRLSLGLFAPDTITSLGKTGEDYH
KNEDIFFTGYQGDPTGQKPGDKDWYGIANLVADRTPAVGNTFTTSFNTGHGKKWFVDGKVSKDSEWNYRSVSGVLPTWRW
WQTSTGEKLRAEYDFTDAYNGGNSLKFSGDVAGKTDQDVRLYSTKLEVTEKTKLRVAHKGGKGSKVYMAFSTTPDYKFDD
ADAWKELTLSDNWTNEEFDLSSLAGKTIYAVKLFFEHEGAVKDYQFNLGQLTISDNHQEPQSPTSFSVVKQSLKNAQEAE
AVVQFKGNKDADFYEVYEKDGDSWKLLTGSSSTTIYLPKVSRSASAQGTTQELKVVAVGKNGVRSEAATTTFDWGMTVKD
TSLPKPLAENIVP
;
_entity_poly.pdbx_strand_id   A
#
loop_
_chem_comp.id
_chem_comp.type
_chem_comp.name
_chem_comp.formula
1PE non-polymer 'PENTAETHYLENE GLYCOL' 'C10 H22 O6'
#
# COMPACT_ATOMS: atom_id res chain seq x y z
N THR A 6 -11.37 3.79 -26.81
CA THR A 6 -11.45 3.81 -25.31
C THR A 6 -10.03 3.80 -24.81
N LEU A 7 -9.60 4.93 -24.26
CA LEU A 7 -8.25 5.10 -23.78
C LEU A 7 -8.18 4.89 -22.27
N LYS A 8 -9.26 5.20 -21.56
CA LYS A 8 -9.25 5.08 -20.09
C LYS A 8 -9.12 3.60 -19.70
N PRO A 9 -8.14 3.28 -18.85
CA PRO A 9 -7.99 1.89 -18.41
C PRO A 9 -9.05 1.56 -17.34
N LYS A 10 -9.55 0.31 -17.38
CA LYS A 10 -10.67 -0.09 -16.54
CA LYS A 10 -10.65 -0.08 -16.52
C LYS A 10 -10.40 -1.39 -15.80
N GLU A 11 -11.08 -1.54 -14.68
CA GLU A 11 -11.01 -2.80 -13.93
C GLU A 11 -11.40 -3.98 -14.80
N ILE A 12 -10.77 -5.11 -14.50
CA ILE A 12 -10.95 -6.36 -15.22
C ILE A 12 -12.02 -7.23 -14.56
N LYS A 13 -13.10 -7.48 -15.33
CA LYS A 13 -14.21 -8.28 -14.86
C LYS A 13 -14.64 -9.23 -15.93
N PHE A 14 -14.94 -10.46 -15.52
CA PHE A 14 -15.39 -11.52 -16.45
C PHE A 14 -16.86 -11.83 -16.20
N ASN A 15 -17.66 -11.92 -17.26
CA ASN A 15 -19.10 -12.18 -17.16
C ASN A 15 -19.44 -13.66 -17.10
N SER A 16 -18.45 -14.52 -17.37
CA SER A 16 -18.62 -15.97 -17.33
C SER A 16 -17.28 -16.64 -17.24
N TRP A 17 -17.29 -17.93 -16.87
CA TRP A 17 -16.05 -18.70 -16.91
C TRP A 17 -15.55 -18.91 -18.33
N GLU A 18 -16.46 -19.03 -19.29
CA GLU A 18 -16.00 -19.13 -20.66
C GLU A 18 -15.20 -17.91 -21.08
N GLU A 19 -15.61 -16.72 -20.62
CA GLU A 19 -14.81 -15.53 -20.93
C GLU A 19 -13.40 -15.61 -20.31
N LEU A 20 -13.32 -16.07 -19.06
CA LEU A 20 -12.02 -16.25 -18.44
C LEU A 20 -11.17 -17.26 -19.19
N LEU A 21 -11.78 -18.36 -19.63
CA LEU A 21 -11.01 -19.35 -20.36
C LEU A 21 -10.47 -18.79 -21.70
N LYS A 22 -11.10 -17.75 -22.21
CA LYS A 22 -10.60 -17.08 -23.44
C LYS A 22 -9.55 -16.01 -23.17
N TRP A 23 -9.30 -15.66 -21.89
CA TRP A 23 -8.30 -14.67 -21.56
C TRP A 23 -6.94 -15.12 -22.07
N GLU A 24 -6.17 -14.17 -22.60
CA GLU A 24 -4.78 -14.40 -22.98
C GLU A 24 -3.94 -13.19 -22.63
N PRO A 25 -2.67 -13.40 -22.32
CA PRO A 25 -1.89 -12.20 -22.00
C PRO A 25 -1.83 -11.22 -23.18
N GLY A 26 -2.01 -9.94 -22.86
CA GLY A 26 -1.86 -8.90 -23.86
C GLY A 26 -3.04 -8.67 -24.76
N ALA A 27 -4.11 -9.43 -24.57
CA ALA A 27 -5.21 -9.41 -25.53
C ALA A 27 -6.28 -8.38 -25.26
N ARG A 28 -6.09 -7.52 -24.24
CA ARG A 28 -6.97 -6.43 -23.94
C ARG A 28 -6.26 -5.11 -24.20
N GLU A 29 -6.98 -4.14 -24.72
CA GLU A 29 -6.37 -2.87 -25.08
C GLU A 29 -5.77 -2.06 -23.93
N ASP A 30 -6.25 -2.33 -22.72
CA ASP A 30 -5.69 -1.67 -21.52
C ASP A 30 -4.74 -2.54 -20.73
N ASP A 31 -4.35 -3.69 -21.26
CA ASP A 31 -3.42 -4.53 -20.52
C ASP A 31 -2.13 -3.82 -20.20
N ALA A 32 -1.59 -3.01 -21.13
CA ALA A 32 -0.29 -2.41 -20.87
C ALA A 32 -0.30 -1.52 -19.62
N ILE A 33 -1.43 -0.90 -19.34
CA ILE A 33 -1.61 -0.05 -18.16
C ILE A 33 -2.02 -0.90 -16.93
N ASN A 34 -2.84 -1.91 -17.15
CA ASN A 34 -3.38 -2.67 -16.02
C ASN A 34 -2.36 -3.59 -15.33
N ARG A 35 -1.25 -3.91 -15.96
CA ARG A 35 -0.25 -4.70 -15.29
C ARG A 35 0.39 -3.97 -14.11
N GLY A 36 0.60 -4.68 -12.99
CA GLY A 36 1.46 -4.14 -11.95
C GLY A 36 2.86 -4.02 -12.48
N SER A 37 3.59 -3.02 -11.97
CA SER A 37 4.94 -2.69 -12.40
C SER A 37 5.99 -2.83 -11.34
N VAL A 38 5.61 -2.95 -10.07
CA VAL A 38 6.56 -2.97 -8.99
C VAL A 38 6.61 -4.38 -8.43
N VAL A 39 7.80 -4.93 -8.32
CA VAL A 39 7.95 -6.24 -7.71
C VAL A 39 7.74 -6.13 -6.21
N LEU A 40 7.29 -7.23 -5.60
CA LEU A 40 7.06 -7.29 -4.17
C LEU A 40 8.38 -7.12 -3.42
N ALA A 41 8.48 -6.04 -2.66
CA ALA A 41 9.67 -5.72 -1.87
C ALA A 41 9.84 -6.68 -0.69
N SER A 42 11.09 -6.91 -0.28
CA SER A 42 11.35 -7.64 0.96
C SER A 42 11.17 -6.72 2.16
N ARG A 43 10.90 -7.31 3.32
CA ARG A 43 10.80 -6.55 4.55
C ARG A 43 11.59 -7.17 5.66
N ARG A 44 11.95 -6.33 6.62
CA ARG A 44 12.51 -6.74 7.89
C ARG A 44 11.44 -6.53 8.96
N THR A 45 11.53 -7.36 10.01
CA THR A 45 10.78 -7.14 11.21
C THR A 45 11.77 -6.64 12.27
N GLY A 46 11.64 -5.36 12.63
CA GLY A 46 12.52 -4.76 13.62
C GLY A 46 12.22 -5.19 15.04
N HIS A 47 13.03 -4.68 15.96
CA HIS A 47 12.80 -4.80 17.38
C HIS A 47 11.38 -4.38 17.75
N LEU A 48 10.74 -5.11 18.66
CA LEU A 48 9.42 -4.76 19.12
C LEU A 48 9.48 -3.43 19.84
N VAL A 49 8.57 -2.50 19.53
CA VAL A 49 8.49 -1.22 20.22
C VAL A 49 7.33 -1.12 21.21
N ASN A 50 6.39 -2.10 21.16
CA ASN A 50 5.30 -2.15 22.11
C ASN A 50 5.34 -3.45 22.87
N GLU A 51 5.36 -3.36 24.21
CA GLU A 51 5.46 -4.55 25.05
C GLU A 51 4.33 -5.55 24.84
N LYS A 52 3.18 -5.13 24.31
CA LYS A 52 2.05 -6.05 24.12
C LYS A 52 1.95 -6.55 22.71
N ALA A 53 2.84 -6.11 21.84
CA ALA A 53 2.75 -6.52 20.43
C ALA A 53 3.35 -7.90 20.20
N SER A 54 2.87 -8.52 19.13
CA SER A 54 3.28 -9.85 18.72
C SER A 54 3.92 -9.82 17.32
N LYS A 55 5.01 -10.55 17.15
CA LYS A 55 5.58 -10.79 15.82
C LYS A 55 4.91 -11.99 15.15
N GLU A 56 4.13 -12.76 15.89
CA GLU A 56 3.46 -13.92 15.28
C GLU A 56 2.12 -13.57 14.70
N ALA A 57 1.37 -12.70 15.37
CA ALA A 57 0.05 -12.27 14.90
C ALA A 57 0.15 -11.42 13.66
N LYS A 58 -0.74 -11.69 12.73
CA LYS A 58 -0.74 -11.03 11.44
C LYS A 58 -2.06 -10.33 11.20
N VAL A 59 -2.11 -9.45 10.20
CA VAL A 59 -3.31 -8.69 9.87
C VAL A 59 -3.52 -8.80 8.37
N GLN A 60 -4.75 -9.17 7.99
CA GLN A 60 -5.14 -9.19 6.57
C GLN A 60 -6.30 -8.21 6.41
N ALA A 61 -6.19 -7.30 5.44
CA ALA A 61 -7.26 -6.36 5.15
C ALA A 61 -8.06 -6.80 3.92
N LEU A 62 -9.38 -6.88 4.06
CA LEU A 62 -10.30 -7.15 2.96
C LEU A 62 -10.96 -5.82 2.61
N SER A 63 -10.38 -5.13 1.62
CA SER A 63 -10.73 -3.73 1.39
C SER A 63 -11.36 -3.51 0.02
N ASN A 64 -12.41 -2.70 0.02
CA ASN A 64 -12.96 -2.12 -1.22
C ASN A 64 -12.09 -0.90 -1.47
N THR A 65 -11.10 -1.07 -2.36
CA THR A 65 -10.06 -0.10 -2.46
C THR A 65 -10.34 1.07 -3.38
N ASN A 66 -11.27 0.89 -4.30
CA ASN A 66 -11.40 1.85 -5.39
C ASN A 66 -12.67 2.68 -5.38
N SER A 67 -12.69 3.70 -6.23
CA SER A 67 -13.89 4.50 -6.44
C SER A 67 -15.01 3.65 -6.91
N LYS A 68 -16.24 4.02 -6.54
CA LYS A 68 -17.39 3.33 -7.08
C LYS A 68 -18.05 4.12 -8.24
N ALA A 69 -17.47 5.25 -8.63
CA ALA A 69 -18.05 6.07 -9.71
C ALA A 69 -18.06 5.33 -11.05
N LYS A 70 -19.13 5.52 -11.83
CA LYS A 70 -19.17 4.99 -13.18
C LYS A 70 -17.97 5.54 -13.95
N ASP A 71 -17.42 4.76 -14.83
CA ASP A 71 -16.28 5.22 -15.61
C ASP A 71 -15.06 5.79 -14.79
N HIS A 72 -14.86 5.31 -13.58
CA HIS A 72 -13.56 5.53 -12.94
C HIS A 72 -12.48 4.69 -13.59
N ALA A 73 -11.29 5.25 -13.56
CA ALA A 73 -10.11 4.54 -14.13
C ALA A 73 -9.48 3.58 -13.11
N SER A 74 -8.83 2.54 -13.63
CA SER A 74 -8.14 1.54 -12.79
C SER A 74 -6.84 2.05 -12.20
N VAL A 75 -6.38 3.27 -12.61
CA VAL A 75 -5.19 3.86 -12.09
C VAL A 75 -5.44 4.93 -11.04
N GLY A 76 -6.68 5.37 -10.86
CA GLY A 76 -6.98 6.48 -9.98
C GLY A 76 -7.79 7.53 -10.72
N GLY A 77 -7.53 8.78 -10.41
CA GLY A 77 -8.28 9.83 -11.02
C GLY A 77 -7.97 11.22 -10.54
N GLU A 78 -8.68 12.21 -11.09
CA GLU A 78 -8.43 13.60 -10.83
C GLU A 78 -9.25 14.05 -9.59
N GLU A 79 -9.08 13.33 -8.50
CA GLU A 79 -9.77 13.61 -7.25
C GLU A 79 -8.88 13.22 -6.08
N PHE A 80 -8.93 14.03 -5.04
CA PHE A 80 -8.11 13.81 -3.83
C PHE A 80 -8.60 12.66 -3.00
N LYS A 81 -9.91 12.64 -2.69
CA LYS A 81 -10.39 11.62 -1.78
C LYS A 81 -10.23 10.24 -2.41
N ALA A 82 -9.71 9.33 -1.61
CA ALA A 82 -9.36 7.99 -2.07
C ALA A 82 -8.97 7.15 -0.84
N TYR A 83 -9.01 5.83 -0.99
CA TYR A 83 -8.47 4.93 0.02
C TYR A 83 -6.97 4.88 -0.17
N ALA A 84 -6.33 5.97 0.27
CA ALA A 84 -4.91 6.18 0.05
C ALA A 84 -4.11 5.47 1.15
N PHE A 85 -4.23 4.15 1.14
CA PHE A 85 -3.72 3.34 2.25
C PHE A 85 -2.23 3.46 2.38
N ASP A 86 -1.76 3.66 3.61
CA ASP A 86 -0.32 3.79 3.87
C ASP A 86 0.14 3.15 5.16
N TYR A 87 -0.72 2.26 5.70
CA TYR A 87 -0.35 1.56 6.94
C TYR A 87 0.11 0.12 6.68
N TRP A 88 0.82 -0.03 5.58
CA TRP A 88 1.35 -1.32 5.13
C TRP A 88 2.21 -2.03 6.15
N GLN A 89 2.87 -1.25 7.02
CA GLN A 89 3.82 -1.80 7.93
C GLN A 89 3.20 -2.74 8.96
N TYR A 90 1.87 -2.68 9.08
CA TYR A 90 1.16 -3.61 9.99
C TYR A 90 0.43 -4.73 9.24
N LEU A 91 0.47 -4.72 7.91
CA LEU A 91 -0.27 -5.71 7.13
C LEU A 91 0.59 -6.88 6.69
N ASP A 92 -0.02 -8.07 6.78
CA ASP A 92 0.47 -9.29 6.11
C ASP A 92 0.12 -9.30 4.61
N SER A 93 -1.10 -8.83 4.29
CA SER A 93 -1.57 -8.78 2.93
C SER A 93 -2.79 -7.87 2.84
N MET A 94 -3.05 -7.41 1.61
CA MET A 94 -4.17 -6.62 1.23
CA MET A 94 -4.25 -6.68 1.28
C MET A 94 -4.99 -7.44 0.21
N VAL A 95 -6.27 -7.64 0.51
CA VAL A 95 -7.19 -8.30 -0.42
C VAL A 95 -8.06 -7.19 -1.07
N PHE A 96 -7.99 -7.18 -2.41
CA PHE A 96 -8.80 -6.33 -3.26
C PHE A 96 -10.16 -6.98 -3.33
N TRP A 97 -11.12 -6.43 -2.58
CA TRP A 97 -12.38 -7.09 -2.38
C TRP A 97 -13.34 -7.00 -3.54
N GLU A 98 -13.18 -5.97 -4.37
CA GLU A 98 -14.16 -5.65 -5.39
C GLU A 98 -14.17 -6.55 -6.61
N GLY A 99 -13.10 -7.33 -6.82
CA GLY A 99 -13.03 -8.18 -7.98
C GLY A 99 -11.87 -9.12 -7.99
N LEU A 100 -11.80 -9.86 -9.09
CA LEU A 100 -10.85 -10.94 -9.25
C LEU A 100 -9.42 -10.46 -9.46
N VAL A 101 -9.27 -9.31 -10.13
CA VAL A 101 -7.95 -8.84 -10.59
C VAL A 101 -7.71 -7.44 -9.98
N PRO A 102 -6.75 -7.35 -9.01
CA PRO A 102 -6.49 -6.04 -8.41
C PRO A 102 -6.00 -5.05 -9.46
N THR A 103 -6.33 -3.77 -9.24
CA THR A 103 -5.88 -2.69 -10.10
C THR A 103 -4.43 -2.30 -9.82
N PRO A 104 -3.73 -1.76 -10.83
CA PRO A 104 -2.30 -1.54 -10.68
C PRO A 104 -1.89 -0.49 -9.64
N ASP A 105 -2.81 0.43 -9.35
CA ASP A 105 -2.56 1.43 -8.33
C ASP A 105 -2.37 0.77 -6.99
N VAL A 106 -3.21 -0.19 -6.67
CA VAL A 106 -3.11 -0.94 -5.39
C VAL A 106 -1.93 -1.91 -5.43
N ILE A 107 -1.76 -2.64 -6.54
CA ILE A 107 -0.65 -3.60 -6.58
C ILE A 107 0.68 -2.88 -6.40
N ASP A 108 0.87 -1.78 -7.14
CA ASP A 108 2.16 -1.09 -7.08
C ASP A 108 2.44 -0.51 -5.69
N ALA A 109 1.41 0.09 -5.09
CA ALA A 109 1.56 0.67 -3.75
C ALA A 109 1.92 -0.42 -2.75
N GLY A 110 1.17 -1.51 -2.76
CA GLY A 110 1.46 -2.57 -1.81
C GLY A 110 2.83 -3.16 -2.03
N HIS A 111 3.15 -3.45 -3.29
CA HIS A 111 4.43 -4.07 -3.54
C HIS A 111 5.64 -3.21 -3.16
N ARG A 112 5.56 -1.90 -3.44
CA ARG A 112 6.66 -1.04 -3.01
C ARG A 112 6.87 -1.12 -1.51
N ASN A 113 5.77 -1.28 -0.80
CA ASN A 113 5.79 -1.39 0.66
C ASN A 113 5.95 -2.81 1.18
N GLY A 114 6.19 -3.78 0.29
CA GLY A 114 6.44 -5.14 0.76
C GLY A 114 5.24 -5.95 1.16
N VAL A 115 4.05 -5.54 0.69
CA VAL A 115 2.82 -6.24 1.06
C VAL A 115 2.18 -6.91 -0.16
N PRO A 116 1.94 -8.23 -0.09
CA PRO A 116 1.26 -8.92 -1.19
C PRO A 116 -0.19 -8.48 -1.30
N VAL A 117 -0.70 -8.51 -2.54
CA VAL A 117 -2.03 -8.04 -2.90
C VAL A 117 -2.73 -9.21 -3.63
N TYR A 118 -3.91 -9.53 -3.13
CA TYR A 118 -4.70 -10.67 -3.61
C TYR A 118 -6.03 -10.20 -4.25
N GLY A 119 -6.42 -10.85 -5.34
CA GLY A 119 -7.76 -10.64 -5.87
C GLY A 119 -8.77 -11.45 -5.07
N THR A 120 -10.06 -11.25 -5.36
CA THR A 120 -11.12 -12.00 -4.67
C THR A 120 -11.94 -12.82 -5.67
N LEU A 121 -12.06 -14.11 -5.36
CA LEU A 121 -12.95 -15.04 -6.09
C LEU A 121 -14.21 -15.22 -5.22
N PHE A 122 -15.34 -14.64 -5.65
CA PHE A 122 -16.50 -14.60 -4.82
C PHE A 122 -17.58 -15.46 -5.47
N PHE A 123 -18.04 -16.44 -4.72
CA PHE A 123 -19.20 -17.26 -5.10
C PHE A 123 -20.36 -16.79 -4.19
N ASN A 124 -21.43 -16.37 -4.85
CA ASN A 124 -22.49 -15.62 -4.19
C ASN A 124 -23.15 -16.37 -3.02
N TRP A 125 -23.68 -15.59 -2.08
CA TRP A 125 -24.47 -16.14 -0.98
C TRP A 125 -25.83 -16.44 -1.54
N SER A 126 -26.05 -17.73 -1.80
CA SER A 126 -27.15 -18.18 -2.63
C SER A 126 -27.18 -19.70 -2.66
N ASN A 127 -28.38 -20.25 -2.93
CA ASN A 127 -28.55 -21.64 -3.29
C ASN A 127 -29.23 -21.73 -4.67
N SER A 128 -29.24 -20.65 -5.48
CA SER A 128 -29.80 -20.75 -6.82
C SER A 128 -29.06 -21.78 -7.63
N ILE A 129 -29.76 -22.47 -8.51
CA ILE A 129 -29.09 -23.42 -9.37
C ILE A 129 -28.05 -22.66 -10.20
N ALA A 130 -28.37 -21.46 -10.67
CA ALA A 130 -27.39 -20.72 -11.49
C ALA A 130 -26.08 -20.54 -10.68
N ASP A 131 -26.19 -20.17 -9.40
CA ASP A 131 -24.96 -19.95 -8.63
C ASP A 131 -24.31 -21.31 -8.29
N GLN A 132 -25.10 -22.35 -8.00
CA GLN A 132 -24.47 -23.66 -7.77
C GLN A 132 -23.71 -24.14 -9.00
N GLU A 133 -24.29 -23.88 -10.17
CA GLU A 133 -23.62 -24.27 -11.39
C GLU A 133 -22.36 -23.46 -11.65
N ARG A 134 -22.41 -22.16 -11.34
CA ARG A 134 -21.22 -21.33 -11.53
C ARG A 134 -20.06 -21.88 -10.67
N PHE A 135 -20.39 -22.32 -9.46
CA PHE A 135 -19.37 -22.93 -8.60
C PHE A 135 -18.88 -24.25 -9.17
N ALA A 136 -19.81 -25.15 -9.52
CA ALA A 136 -19.40 -26.43 -10.12
C ALA A 136 -18.56 -26.24 -11.38
N GLU A 137 -18.94 -25.24 -12.20
CA GLU A 137 -18.25 -24.97 -13.45
C GLU A 137 -16.77 -24.58 -13.19
N ALA A 138 -16.53 -23.81 -12.10
CA ALA A 138 -15.17 -23.41 -11.81
C ALA A 138 -14.27 -24.62 -11.57
N LEU A 139 -14.87 -25.71 -11.06
CA LEU A 139 -14.13 -26.89 -10.64
C LEU A 139 -14.10 -27.99 -11.74
N LYS A 140 -14.39 -27.61 -12.97
CA LYS A 140 -14.21 -28.54 -14.09
C LYS A 140 -12.75 -28.98 -14.17
N GLN A 141 -12.56 -30.27 -14.49
CA GLN A 141 -11.22 -30.81 -14.61
C GLN A 141 -10.98 -31.40 -16.00
N ASP A 142 -9.74 -31.30 -16.42
CA ASP A 142 -9.24 -32.08 -17.55
C ASP A 142 -9.08 -33.54 -17.17
N ALA A 143 -8.84 -34.40 -18.18
CA ALA A 143 -8.70 -35.84 -17.90
C ALA A 143 -7.58 -36.14 -16.87
N ASP A 144 -6.55 -35.32 -16.87
CA ASP A 144 -5.42 -35.48 -15.95
C ASP A 144 -5.67 -34.96 -14.54
N GLY A 145 -6.88 -34.47 -14.30
CA GLY A 145 -7.20 -33.97 -12.98
C GLY A 145 -6.92 -32.49 -12.75
N SER A 146 -6.27 -31.85 -13.73
CA SER A 146 -5.95 -30.44 -13.58
C SER A 146 -7.20 -29.59 -13.77
N PHE A 147 -7.17 -28.33 -13.31
CA PHE A 147 -8.29 -27.44 -13.37
C PHE A 147 -7.95 -26.25 -14.27
N PRO A 148 -8.55 -26.18 -15.47
CA PRO A 148 -8.22 -25.06 -16.34
C PRO A 148 -8.50 -23.69 -15.75
N ILE A 149 -9.52 -23.55 -14.93
CA ILE A 149 -9.79 -22.20 -14.35
C ILE A 149 -8.64 -21.84 -13.39
N ALA A 150 -8.14 -22.80 -12.63
CA ALA A 150 -6.99 -22.55 -11.76
C ALA A 150 -5.81 -22.04 -12.55
N ARG A 151 -5.57 -22.65 -13.72
CA ARG A 151 -4.46 -22.17 -14.55
C ARG A 151 -4.64 -20.72 -14.93
N LYS A 152 -5.84 -20.35 -15.35
CA LYS A 152 -6.07 -18.94 -15.74
C LYS A 152 -5.88 -18.01 -14.55
N LEU A 153 -6.34 -18.42 -13.35
CA LEU A 153 -6.13 -17.56 -12.20
C LEU A 153 -4.64 -17.35 -11.95
N VAL A 154 -3.86 -18.42 -12.02
CA VAL A 154 -2.41 -18.31 -11.88
C VAL A 154 -1.78 -17.46 -12.96
N ASP A 155 -2.18 -17.72 -14.18
CA ASP A 155 -1.62 -16.99 -15.31
C ASP A 155 -1.87 -15.50 -15.21
N MET A 156 -3.05 -15.11 -14.77
CA MET A 156 -3.33 -13.69 -14.57
C MET A 156 -2.53 -13.10 -13.43
N ALA A 157 -2.38 -13.85 -12.34
CA ALA A 157 -1.59 -13.34 -11.24
C ALA A 157 -0.17 -13.07 -11.74
N LYS A 158 0.37 -13.97 -12.55
CA LYS A 158 1.74 -13.80 -13.05
C LYS A 158 1.82 -12.60 -13.99
N TYR A 159 0.86 -12.50 -14.92
CA TYR A 159 0.94 -11.46 -15.94
C TYR A 159 0.72 -10.08 -15.34
N TYR A 160 -0.34 -9.91 -14.57
CA TYR A 160 -0.64 -8.62 -13.95
C TYR A 160 0.19 -8.35 -12.69
N GLY A 161 0.89 -9.37 -12.20
CA GLY A 161 1.85 -9.16 -11.11
C GLY A 161 1.30 -9.03 -9.72
N TYR A 162 0.37 -9.91 -9.36
CA TYR A 162 -0.14 -9.96 -8.01
C TYR A 162 -0.04 -11.39 -7.45
N ASP A 163 -0.44 -11.57 -6.19
CA ASP A 163 0.15 -12.62 -5.40
C ASP A 163 -0.73 -13.81 -5.06
N GLY A 164 -1.97 -13.78 -5.55
CA GLY A 164 -2.90 -14.85 -5.22
C GLY A 164 -4.30 -14.30 -5.03
N TYR A 165 -5.13 -15.07 -4.29
CA TYR A 165 -6.56 -14.85 -4.20
C TYR A 165 -7.11 -15.13 -2.82
N PHE A 166 -8.17 -14.41 -2.50
CA PHE A 166 -9.05 -14.72 -1.39
C PHE A 166 -10.28 -15.38 -1.99
N ILE A 167 -10.65 -16.57 -1.52
CA ILE A 167 -11.86 -17.27 -1.97
C ILE A 167 -12.97 -17.14 -0.90
N ASN A 168 -14.08 -16.54 -1.33
CA ASN A 168 -15.25 -16.39 -0.50
C ASN A 168 -16.37 -17.27 -1.11
N GLN A 169 -16.47 -18.52 -0.61
CA GLN A 169 -17.36 -19.52 -1.22
C GLN A 169 -18.63 -19.59 -0.41
N GLU A 170 -19.56 -18.71 -0.72
CA GLU A 170 -20.81 -18.57 0.02
C GLU A 170 -22.01 -19.25 -0.65
N THR A 171 -21.76 -19.96 -1.76
CA THR A 171 -22.84 -20.70 -2.42
C THR A 171 -23.07 -22.04 -1.76
N THR A 172 -24.35 -22.41 -1.65
CA THR A 172 -24.70 -23.64 -0.98
C THR A 172 -25.77 -24.38 -1.78
N GLY A 173 -26.10 -25.60 -1.35
CA GLY A 173 -27.15 -26.40 -1.95
C GLY A 173 -26.66 -27.80 -2.28
N ASP A 174 -27.59 -28.57 -2.85
CA ASP A 174 -27.33 -29.99 -3.05
C ASP A 174 -26.20 -30.28 -4.02
N LEU A 175 -25.99 -29.42 -5.01
CA LEU A 175 -24.95 -29.64 -5.98
C LEU A 175 -23.58 -29.16 -5.44
N VAL A 176 -23.61 -28.28 -4.45
CA VAL A 176 -22.37 -27.80 -3.87
C VAL A 176 -21.80 -28.78 -2.85
N LYS A 177 -22.66 -29.40 -2.05
CA LYS A 177 -22.21 -30.21 -0.89
C LYS A 177 -21.10 -31.21 -1.23
N PRO A 178 -21.23 -31.97 -2.33
CA PRO A 178 -20.22 -32.97 -2.66
C PRO A 178 -18.91 -32.49 -3.20
N LEU A 179 -18.75 -31.18 -3.33
CA LEU A 179 -17.62 -30.64 -4.06
C LEU A 179 -16.46 -30.17 -3.18
N GLY A 180 -16.51 -30.48 -1.89
CA GLY A 180 -15.40 -30.07 -1.00
C GLY A 180 -14.06 -30.60 -1.44
N GLU A 181 -14.00 -31.87 -1.80
CA GLU A 181 -12.72 -32.49 -2.18
C GLU A 181 -12.17 -31.79 -3.43
N LYS A 182 -13.03 -31.55 -4.40
CA LYS A 182 -12.56 -30.87 -5.61
C LYS A 182 -12.11 -29.43 -5.32
N MET A 183 -12.83 -28.76 -4.42
CA MET A 183 -12.42 -27.40 -4.07
C MET A 183 -11.01 -27.41 -3.45
N ARG A 184 -10.79 -28.34 -2.55
CA ARG A 184 -9.49 -28.45 -1.92
C ARG A 184 -8.41 -28.78 -2.93
N GLN A 185 -8.72 -29.74 -3.82
CA GLN A 185 -7.74 -30.09 -4.88
C GLN A 185 -7.48 -28.95 -5.88
N PHE A 186 -8.48 -28.12 -6.08
CA PHE A 186 -8.28 -26.95 -6.97
C PHE A 186 -7.19 -26.04 -6.37
N MET A 187 -7.24 -25.84 -5.05
CA MET A 187 -6.26 -25.01 -4.39
C MET A 187 -4.88 -25.66 -4.40
N LEU A 188 -4.81 -26.96 -4.09
CA LEU A 188 -3.52 -27.66 -4.15
C LEU A 188 -2.90 -27.67 -5.56
N TYR A 189 -3.72 -28.02 -6.55
CA TYR A 189 -3.28 -28.02 -7.93
C TYR A 189 -2.72 -26.66 -8.34
N SER A 190 -3.40 -25.59 -7.92
CA SER A 190 -2.95 -24.24 -8.27
C SER A 190 -1.52 -24.04 -7.83
N LYS A 191 -1.16 -24.60 -6.66
CA LYS A 191 0.18 -24.45 -6.10
C LYS A 191 1.20 -25.14 -6.99
N GLU A 192 0.82 -26.31 -7.48
CA GLU A 192 1.70 -27.07 -8.37
C GLU A 192 1.94 -26.31 -9.67
N TYR A 193 0.84 -25.82 -10.27
CA TYR A 193 0.97 -25.10 -11.52
C TYR A 193 1.73 -23.78 -11.37
N ALA A 194 1.45 -23.07 -10.27
CA ALA A 194 2.14 -21.77 -10.01
C ALA A 194 3.64 -21.98 -9.86
N ALA A 195 4.05 -23.10 -9.29
CA ALA A 195 5.47 -23.39 -9.18
C ALA A 195 6.01 -23.65 -10.57
N LYS A 196 5.24 -24.38 -11.37
CA LYS A 196 5.67 -24.73 -12.73
C LYS A 196 5.94 -23.47 -13.55
N VAL A 197 5.09 -22.45 -13.39
CA VAL A 197 5.27 -21.20 -14.14
C VAL A 197 6.08 -20.16 -13.38
N ASN A 198 6.70 -20.53 -12.27
CA ASN A 198 7.63 -19.65 -11.54
C ASN A 198 6.94 -18.39 -11.04
N HIS A 199 5.71 -18.53 -10.57
CA HIS A 199 5.04 -17.42 -9.94
C HIS A 199 4.11 -17.94 -8.83
N PRO A 200 4.70 -18.26 -7.69
CA PRO A 200 3.89 -18.81 -6.62
C PRO A 200 2.74 -17.90 -6.21
N ILE A 201 1.63 -18.51 -5.77
CA ILE A 201 0.53 -17.77 -5.26
C ILE A 201 0.09 -18.33 -3.91
N LYS A 202 -0.62 -17.51 -3.14
CA LYS A 202 -1.27 -18.00 -1.95
C LYS A 202 -2.79 -17.90 -2.13
N TYR A 203 -3.50 -18.74 -1.34
CA TYR A 203 -4.94 -18.63 -1.21
C TYR A 203 -5.30 -18.29 0.25
N SER A 204 -6.29 -17.42 0.39
CA SER A 204 -6.95 -17.16 1.67
C SER A 204 -8.40 -17.63 1.52
N TRP A 205 -8.93 -18.27 2.57
CA TRP A 205 -10.18 -18.97 2.45
C TRP A 205 -11.15 -18.52 3.51
N TYR A 206 -12.36 -18.12 3.12
CA TYR A 206 -13.36 -17.72 4.09
C TYR A 206 -14.03 -18.95 4.74
N ASP A 207 -14.21 -18.87 6.06
CA ASP A 207 -15.02 -19.83 6.83
C ASP A 207 -16.50 -19.80 6.40
N ALA A 208 -16.81 -20.58 5.37
CA ALA A 208 -18.13 -20.58 4.77
C ALA A 208 -18.48 -21.99 4.28
N MET A 209 -17.95 -22.40 3.14
CA MET A 209 -18.24 -23.75 2.60
C MET A 209 -17.55 -24.76 3.50
N THR A 210 -18.33 -25.66 4.09
CA THR A 210 -17.74 -26.80 4.75
C THR A 210 -17.33 -27.87 3.77
N TYR A 211 -16.55 -28.84 4.26
CA TYR A 211 -16.07 -29.90 3.34
C TYR A 211 -17.19 -30.76 2.76
N ASN A 212 -18.17 -31.08 3.61
CA ASN A 212 -19.24 -31.99 3.20
C ASN A 212 -20.67 -31.48 3.29
N TYR A 213 -20.88 -30.35 3.97
CA TYR A 213 -22.25 -29.93 4.35
C TYR A 213 -22.68 -28.56 3.82
N GLY A 214 -21.98 -28.07 2.79
CA GLY A 214 -22.36 -26.78 2.23
C GLY A 214 -22.03 -25.65 3.20
N ARG A 215 -22.75 -24.55 3.05
CA ARG A 215 -22.39 -23.34 3.80
C ARG A 215 -22.76 -23.46 5.28
N TYR A 216 -21.76 -23.28 6.15
CA TYR A 216 -21.99 -23.24 7.59
C TYR A 216 -20.72 -22.61 8.17
N HIS A 217 -20.88 -21.43 8.78
CA HIS A 217 -19.77 -20.77 9.43
C HIS A 217 -19.50 -21.40 10.79
N GLN A 218 -18.26 -21.79 11.09
CA GLN A 218 -17.91 -22.23 12.42
C GLN A 218 -17.42 -21.10 13.31
N ASP A 219 -17.20 -19.91 12.74
CA ASP A 219 -16.51 -18.83 13.45
C ASP A 219 -15.18 -19.29 13.96
N GLY A 220 -14.49 -20.06 13.12
CA GLY A 220 -13.27 -20.68 13.53
C GLY A 220 -12.94 -21.82 12.60
N LEU A 221 -11.80 -22.41 12.88
CA LEU A 221 -11.35 -23.66 12.24
C LEU A 221 -11.83 -24.84 13.12
N GLY A 222 -12.47 -25.85 12.52
CA GLY A 222 -12.98 -26.94 13.33
C GLY A 222 -13.29 -28.17 12.50
N GLU A 223 -14.17 -28.99 13.08
CA GLU A 223 -14.38 -30.32 12.57
C GLU A 223 -15.01 -30.42 11.22
N TYR A 224 -15.62 -29.32 10.77
CA TYR A 224 -16.29 -29.33 9.49
C TYR A 224 -15.55 -28.64 8.37
N ASN A 225 -14.43 -27.97 8.70
CA ASN A 225 -13.72 -27.20 7.65
C ASN A 225 -12.22 -27.39 7.68
N TYR A 226 -11.69 -28.26 8.56
CA TYR A 226 -10.24 -28.36 8.70
C TYR A 226 -9.54 -28.81 7.43
N GLN A 227 -10.25 -29.56 6.59
CA GLN A 227 -9.64 -30.12 5.39
C GLN A 227 -9.07 -29.02 4.52
N PHE A 228 -9.65 -27.84 4.53
CA PHE A 228 -9.16 -26.77 3.64
C PHE A 228 -7.83 -26.23 4.07
N MET A 229 -7.44 -26.47 5.31
CA MET A 229 -6.13 -26.07 5.83
C MET A 229 -5.17 -27.25 6.00
N GLN A 230 -5.67 -28.47 5.83
CA GLN A 230 -4.85 -29.67 6.08
C GLN A 230 -3.71 -29.78 5.06
N PRO A 231 -2.47 -29.92 5.52
CA PRO A 231 -1.34 -29.97 4.58
C PRO A 231 -1.26 -31.23 3.76
N GLU A 232 -0.56 -31.15 2.63
CA GLU A 232 -0.08 -32.35 1.95
C GLU A 232 1.40 -32.15 1.96
N GLY A 233 1.98 -32.69 3.04
CA GLY A 233 3.36 -32.43 3.47
C GLY A 233 3.66 -30.94 3.57
N ASP A 234 4.47 -30.56 2.60
CA ASP A 234 5.03 -29.27 2.16
C ASP A 234 4.08 -28.23 1.58
N LYS A 235 2.94 -28.71 1.08
CA LYS A 235 1.99 -27.84 0.43
C LYS A 235 0.74 -27.76 1.28
N VAL A 236 0.00 -26.67 1.11
CA VAL A 236 -1.32 -26.51 1.75
C VAL A 236 -2.33 -26.07 0.72
N PRO A 237 -3.63 -26.31 0.99
CA PRO A 237 -4.66 -25.81 0.08
C PRO A 237 -4.82 -24.31 0.33
N ALA A 238 -5.50 -23.95 1.42
CA ALA A 238 -5.53 -22.57 1.87
C ALA A 238 -4.32 -22.26 2.73
N ASP A 239 -3.65 -21.15 2.41
CA ASP A 239 -2.56 -20.62 3.22
C ASP A 239 -3.10 -19.89 4.46
N ASN A 240 -4.08 -19.01 4.23
CA ASN A 240 -4.72 -18.28 5.32
C ASN A 240 -6.21 -18.64 5.38
N PHE A 241 -6.72 -18.60 6.60
CA PHE A 241 -8.12 -18.91 6.87
C PHE A 241 -8.74 -17.68 7.56
N PHE A 242 -9.92 -17.26 7.11
CA PHE A 242 -10.59 -16.09 7.63
C PHE A 242 -11.80 -16.59 8.39
N ALA A 243 -11.73 -16.55 9.73
CA ALA A 243 -12.81 -17.06 10.58
C ALA A 243 -13.96 -16.04 10.60
N ASN A 244 -15.19 -16.52 10.51
CA ASN A 244 -16.36 -15.68 10.58
C ASN A 244 -16.43 -14.91 11.91
N PHE A 245 -17.27 -13.87 11.88
CA PHE A 245 -17.18 -12.81 12.90
C PHE A 245 -17.61 -13.19 14.29
N ASN A 246 -18.37 -14.28 14.43
CA ASN A 246 -18.97 -14.58 15.73
C ASN A 246 -18.15 -15.52 16.58
N TRP A 247 -16.83 -15.36 16.54
CA TRP A 247 -15.96 -16.11 17.40
C TRP A 247 -16.08 -15.69 18.87
N ASP A 248 -15.55 -16.52 19.74
CA ASP A 248 -15.56 -16.30 21.19
C ASP A 248 -14.42 -17.13 21.79
N LYS A 249 -14.30 -17.14 23.14
CA LYS A 249 -13.17 -17.83 23.74
C LYS A 249 -13.12 -19.32 23.36
N ALA A 250 -14.26 -19.99 23.49
CA ALA A 250 -14.32 -21.41 23.23
C ALA A 250 -13.99 -21.74 21.77
N LYS A 251 -14.54 -20.95 20.87
CA LYS A 251 -14.32 -21.18 19.44
C LYS A 251 -12.85 -20.94 19.10
N ASN A 252 -12.26 -19.91 19.72
CA ASN A 252 -10.85 -19.65 19.47
C ASN A 252 -9.99 -20.77 20.03
N ASP A 253 -10.34 -21.25 21.23
CA ASP A 253 -9.63 -22.38 21.80
C ASP A 253 -9.67 -23.58 20.82
N TYR A 254 -10.85 -23.80 20.26
CA TYR A 254 -11.07 -24.94 19.36
C TYR A 254 -10.24 -24.77 18.07
N THR A 255 -10.21 -23.53 17.57
CA THR A 255 -9.45 -23.23 16.37
C THR A 255 -8.00 -23.57 16.58
N ILE A 256 -7.46 -23.10 17.72
CA ILE A 256 -6.04 -23.31 18.04
C ILE A 256 -5.75 -24.83 18.13
N ALA A 257 -6.63 -25.56 18.84
CA ALA A 257 -6.44 -26.99 18.99
C ALA A 257 -6.50 -27.69 17.64
N THR A 258 -7.41 -27.26 16.81
CA THR A 258 -7.57 -27.89 15.47
C THR A 258 -6.35 -27.60 14.58
N ALA A 259 -5.90 -26.33 14.55
CA ALA A 259 -4.73 -25.98 13.74
C ALA A 259 -3.51 -26.80 14.21
N ASN A 260 -3.28 -26.81 15.52
CA ASN A 260 -2.12 -27.54 16.04
C ASN A 260 -2.20 -29.01 15.65
N TRP A 261 -3.38 -29.60 15.75
CA TRP A 261 -3.50 -31.06 15.52
C TRP A 261 -3.21 -31.46 14.09
N ILE A 262 -3.65 -30.63 13.15
CA ILE A 262 -3.41 -30.89 11.74
C ILE A 262 -2.04 -30.41 11.22
N GLY A 263 -1.29 -29.73 12.09
CA GLY A 263 0.07 -29.31 11.73
C GLY A 263 0.15 -27.97 11.01
N ARG A 264 -0.72 -27.04 11.41
CA ARG A 264 -0.70 -25.68 10.90
C ARG A 264 -0.52 -24.69 12.03
N ASN A 265 0.06 -23.55 11.69
CA ASN A 265 0.26 -22.46 12.63
C ASN A 265 -1.10 -21.80 12.92
N PRO A 266 -1.51 -21.73 14.19
CA PRO A 266 -2.76 -21.03 14.51
C PRO A 266 -2.85 -19.60 13.98
N TYR A 267 -1.71 -18.95 13.84
CA TYR A 267 -1.72 -17.55 13.38
C TYR A 267 -1.98 -17.44 11.89
N ASP A 268 -2.10 -18.60 11.18
CA ASP A 268 -2.63 -18.53 9.84
C ASP A 268 -4.16 -18.46 9.82
N VAL A 269 -4.79 -18.45 11.01
CA VAL A 269 -6.21 -18.16 11.12
C VAL A 269 -6.38 -16.68 11.57
N PHE A 270 -7.19 -15.95 10.80
CA PHE A 270 -7.45 -14.55 10.97
C PHE A 270 -8.86 -14.41 11.45
N ALA A 271 -9.02 -13.99 12.70
CA ALA A 271 -10.34 -13.82 13.30
C ALA A 271 -10.99 -12.54 12.71
N GLY A 272 -12.17 -12.68 12.10
CA GLY A 272 -12.73 -11.57 11.39
C GLY A 272 -13.31 -10.51 12.30
N LEU A 273 -13.10 -9.26 11.91
CA LEU A 273 -13.73 -8.10 12.54
C LEU A 273 -14.65 -7.43 11.48
N GLU A 274 -15.95 -7.25 11.81
CA GLU A 274 -16.93 -6.72 10.85
C GLU A 274 -16.95 -5.20 11.01
N LEU A 275 -16.04 -4.56 10.26
CA LEU A 275 -15.83 -3.15 10.47
C LEU A 275 -16.82 -2.28 9.71
N GLN A 276 -17.54 -2.88 8.77
CA GLN A 276 -18.53 -2.13 7.98
C GLN A 276 -19.76 -1.84 8.82
N GLN A 277 -20.36 -2.87 9.39
CA GLN A 277 -21.41 -2.70 10.33
C GLN A 277 -20.93 -2.08 11.65
N GLY A 278 -19.69 -2.37 12.04
CA GLY A 278 -19.23 -1.88 13.32
C GLY A 278 -18.74 -0.45 13.31
N GLY A 279 -18.42 0.12 12.15
CA GLY A 279 -17.91 1.51 12.05
C GLY A 279 -16.42 1.64 12.38
N SER A 280 -15.59 0.83 11.72
CA SER A 280 -14.15 1.01 11.82
C SER A 280 -13.70 0.84 13.26
N TYR A 281 -12.93 1.77 13.81
CA TYR A 281 -12.44 1.59 15.17
C TYR A 281 -13.50 1.71 16.26
N LYS A 282 -14.75 2.02 15.87
CA LYS A 282 -15.89 1.96 16.79
C LYS A 282 -16.49 0.56 16.90
N THR A 283 -15.98 -0.37 16.12
CA THR A 283 -16.47 -1.74 16.16
C THR A 283 -16.23 -2.40 17.51
N LYS A 284 -17.29 -3.03 18.05
CA LYS A 284 -17.17 -3.76 19.29
C LYS A 284 -16.48 -5.06 18.97
N VAL A 285 -15.40 -5.35 19.67
CA VAL A 285 -14.65 -6.58 19.46
C VAL A 285 -14.53 -7.26 20.81
N LYS A 286 -14.65 -8.59 20.84
CA LYS A 286 -14.46 -9.35 22.05
C LYS A 286 -12.98 -9.54 22.29
N TRP A 287 -12.31 -8.43 22.58
CA TRP A 287 -10.86 -8.48 22.76
C TRP A 287 -10.38 -9.52 23.81
N ASN A 288 -11.14 -9.63 24.88
CA ASN A 288 -10.82 -10.58 25.94
C ASN A 288 -10.83 -12.03 25.52
N ASP A 289 -11.45 -12.32 24.38
CA ASP A 289 -11.52 -13.71 23.89
C ASP A 289 -10.42 -14.03 22.91
N ILE A 290 -9.68 -12.99 22.49
CA ILE A 290 -8.57 -13.20 21.56
C ILE A 290 -7.19 -12.81 22.13
N LEU A 291 -7.17 -12.11 23.25
CA LEU A 291 -5.94 -11.81 23.95
C LEU A 291 -5.70 -12.81 25.06
N ASP A 292 -4.46 -13.23 25.23
CA ASP A 292 -4.10 -14.22 26.24
C ASP A 292 -3.95 -13.51 27.58
N GLU A 293 -3.48 -14.24 28.59
CA GLU A 293 -3.38 -13.70 29.94
C GLU A 293 -2.41 -12.52 30.06
N ASN A 294 -1.45 -12.40 29.14
CA ASN A 294 -0.53 -11.26 29.08
C ASN A 294 -0.98 -10.13 28.15
N GLY A 295 -2.20 -10.20 27.61
CA GLY A 295 -2.70 -9.12 26.81
C GLY A 295 -2.18 -9.22 25.39
N LYS A 296 -1.74 -10.41 24.95
CA LYS A 296 -1.25 -10.57 23.59
C LYS A 296 -2.15 -11.44 22.71
N LEU A 297 -2.19 -11.12 21.42
CA LEU A 297 -3.05 -11.86 20.51
C LEU A 297 -2.68 -13.34 20.46
N ARG A 298 -3.72 -14.16 20.42
CA ARG A 298 -3.55 -15.61 20.25
C ARG A 298 -3.95 -16.15 18.91
N LEU A 299 -4.54 -15.26 18.08
CA LEU A 299 -4.85 -15.52 16.69
C LEU A 299 -4.55 -14.24 15.89
N SER A 300 -4.53 -14.35 14.57
CA SER A 300 -4.38 -13.16 13.74
C SER A 300 -5.70 -12.43 13.56
N LEU A 301 -5.65 -11.25 12.90
CA LEU A 301 -6.82 -10.41 12.76
C LEU A 301 -7.19 -10.22 11.32
N GLY A 302 -8.45 -10.48 11.00
CA GLY A 302 -8.98 -10.28 9.66
C GLY A 302 -9.87 -9.05 9.63
N LEU A 303 -9.48 -8.01 8.87
CA LEU A 303 -10.19 -6.75 8.86
C LEU A 303 -11.17 -6.75 7.70
N PHE A 304 -12.47 -6.92 7.97
CA PHE A 304 -13.45 -6.89 6.91
C PHE A 304 -13.92 -5.45 6.65
N ALA A 305 -13.62 -4.95 5.46
CA ALA A 305 -14.08 -3.65 4.99
C ALA A 305 -13.57 -2.47 5.80
N PRO A 306 -12.23 -2.44 6.09
CA PRO A 306 -11.71 -1.30 6.84
C PRO A 306 -11.81 0.04 6.04
N ASP A 307 -12.00 -0.06 4.73
CA ASP A 307 -12.22 1.12 3.90
C ASP A 307 -13.44 1.93 4.33
N THR A 308 -14.34 1.35 5.11
CA THR A 308 -15.46 2.09 5.71
CA THR A 308 -15.48 2.07 5.68
C THR A 308 -15.01 3.33 6.42
N ILE A 309 -13.75 3.32 6.88
CA ILE A 309 -13.17 4.47 7.62
C ILE A 309 -13.24 5.78 6.84
N THR A 310 -13.24 5.69 5.50
CA THR A 310 -13.34 6.91 4.68
C THR A 310 -14.68 7.62 5.02
N SER A 311 -15.68 6.87 5.45
CA SER A 311 -17.01 7.43 5.80
C SER A 311 -17.06 8.20 7.12
N LEU A 312 -16.02 8.05 7.96
CA LEU A 312 -16.01 8.63 9.32
C LEU A 312 -15.59 10.09 9.32
N GLY A 313 -14.96 10.56 8.27
CA GLY A 313 -14.65 11.98 8.17
C GLY A 313 -15.17 12.51 6.86
N LYS A 314 -14.87 13.77 6.59
CA LYS A 314 -15.36 14.46 5.40
C LYS A 314 -14.25 14.73 4.39
N THR A 315 -13.00 14.76 4.83
CA THR A 315 -11.90 15.17 3.95
C THR A 315 -10.84 14.09 3.79
N GLY A 316 -9.97 14.27 2.81
CA GLY A 316 -8.80 13.41 2.69
C GLY A 316 -7.86 13.50 3.88
N GLU A 317 -7.74 14.71 4.45
CA GLU A 317 -6.87 14.86 5.62
C GLU A 317 -7.43 14.04 6.79
N ASP A 318 -8.77 14.02 6.89
CA ASP A 318 -9.42 13.24 7.94
C ASP A 318 -9.19 11.72 7.77
N TYR A 319 -9.12 11.25 6.53
CA TYR A 319 -8.88 9.84 6.30
C TYR A 319 -7.62 9.34 7.02
N HIS A 320 -6.53 10.09 6.86
CA HIS A 320 -5.28 9.69 7.50
C HIS A 320 -5.37 9.77 9.02
N LYS A 321 -5.96 10.83 9.53
CA LYS A 321 -6.09 10.96 10.98
C LYS A 321 -6.93 9.85 11.59
N ASN A 322 -7.99 9.45 10.89
CA ASN A 322 -8.75 8.30 11.36
C ASN A 322 -7.97 6.97 11.29
N GLU A 323 -7.24 6.79 10.20
CA GLU A 323 -6.35 5.61 10.12
C GLU A 323 -5.35 5.56 11.27
N ASP A 324 -4.87 6.71 11.73
CA ASP A 324 -3.95 6.72 12.89
C ASP A 324 -4.66 6.14 14.12
N ILE A 325 -5.93 6.52 14.35
CA ILE A 325 -6.63 5.95 15.51
C ILE A 325 -6.73 4.43 15.34
N PHE A 326 -7.02 3.98 14.12
CA PHE A 326 -7.21 2.56 13.86
C PHE A 326 -5.91 1.77 14.05
N PHE A 327 -4.88 2.19 13.31
CA PHE A 327 -3.64 1.44 13.23
C PHE A 327 -2.64 1.70 14.33
N THR A 328 -2.60 2.92 14.86
CA THR A 328 -1.71 3.25 15.97
C THR A 328 -2.43 3.16 17.31
N GLY A 329 -3.62 3.71 17.36
CA GLY A 329 -4.44 3.70 18.56
C GLY A 329 -4.74 5.09 19.07
N TYR A 330 -5.72 5.17 19.97
CA TYR A 330 -6.12 6.48 20.51
C TYR A 330 -5.00 7.18 21.25
N GLN A 331 -4.06 6.41 21.80
CA GLN A 331 -2.95 7.02 22.55
C GLN A 331 -1.95 7.74 21.65
N GLY A 332 -2.01 7.53 20.32
CA GLY A 332 -1.24 8.37 19.39
C GLY A 332 0.23 8.04 19.20
N ASP A 333 0.69 6.98 19.80
CA ASP A 333 2.11 6.61 19.83
C ASP A 333 2.15 5.07 19.85
N PRO A 334 2.80 4.43 18.87
CA PRO A 334 2.74 2.96 18.78
C PRO A 334 3.43 2.27 19.95
N THR A 335 4.20 3.01 20.75
CA THR A 335 4.89 2.43 21.93
C THR A 335 3.99 2.46 23.16
N GLY A 336 2.84 3.13 23.08
CA GLY A 336 1.94 3.26 24.21
C GLY A 336 0.83 2.26 24.24
N GLN A 337 0.15 2.26 25.37
CA GLN A 337 -1.00 1.41 25.62
C GLN A 337 -2.33 2.07 25.38
N LYS A 338 -3.32 1.26 25.01
CA LYS A 338 -4.70 1.73 24.93
C LYS A 338 -5.05 2.61 26.13
N PRO A 339 -5.65 3.77 25.87
CA PRO A 339 -6.11 4.56 27.02
C PRO A 339 -7.18 3.85 27.81
N GLY A 340 -7.24 4.19 29.08
CA GLY A 340 -8.21 3.56 29.93
C GLY A 340 -9.67 3.81 29.65
N ASP A 341 -9.96 4.89 28.94
CA ASP A 341 -11.34 5.32 28.61
C ASP A 341 -11.74 4.92 27.18
N LYS A 342 -10.96 4.02 26.57
CA LYS A 342 -11.26 3.54 25.24
C LYS A 342 -11.35 2.03 25.24
N ASP A 343 -12.12 1.49 24.27
CA ASP A 343 -12.22 0.04 24.08
C ASP A 343 -11.36 -0.47 22.91
N TRP A 344 -11.12 0.37 21.91
CA TRP A 344 -10.36 -0.06 20.74
C TRP A 344 -8.87 -0.16 21.05
N TYR A 345 -8.24 -1.26 20.64
CA TYR A 345 -6.80 -1.37 20.62
C TYR A 345 -6.28 -0.97 19.23
N GLY A 346 -5.35 -0.02 19.18
CA GLY A 346 -4.65 0.25 17.96
C GLY A 346 -3.98 -1.02 17.47
N ILE A 347 -3.92 -1.22 16.15
CA ILE A 347 -3.21 -2.39 15.63
C ILE A 347 -1.78 -2.48 16.16
N ALA A 348 -1.11 -1.33 16.21
CA ALA A 348 0.27 -1.24 16.69
C ALA A 348 0.43 -1.68 18.14
N ASN A 349 -0.67 -1.58 18.89
CA ASN A 349 -0.59 -2.03 20.28
C ASN A 349 -0.39 -3.54 20.36
N LEU A 350 -0.79 -4.23 19.29
CA LEU A 350 -0.91 -5.71 19.30
C LEU A 350 -0.07 -6.43 18.25
N VAL A 351 0.41 -5.69 17.24
CA VAL A 351 1.05 -6.30 16.09
C VAL A 351 2.36 -5.56 15.80
N ALA A 352 3.46 -6.29 15.68
CA ALA A 352 4.76 -5.71 15.38
C ALA A 352 4.79 -5.06 14.00
N ASP A 353 5.50 -3.96 13.86
CA ASP A 353 5.77 -3.35 12.54
C ASP A 353 6.86 -4.07 11.76
N ARG A 354 6.76 -3.90 10.43
CA ARG A 354 7.78 -4.30 9.51
C ARG A 354 8.20 -3.11 8.64
N THR A 355 9.28 -3.28 7.89
CA THR A 355 9.84 -2.20 7.10
C THR A 355 10.43 -2.69 5.80
N PRO A 356 10.14 -1.98 4.69
CA PRO A 356 10.82 -2.28 3.42
C PRO A 356 12.09 -1.45 3.23
N ALA A 357 12.46 -0.63 4.21
CA ALA A 357 13.60 0.27 4.07
C ALA A 357 14.90 -0.51 4.42
N VAL A 358 15.29 -1.37 3.49
CA VAL A 358 16.41 -2.30 3.66
C VAL A 358 17.30 -2.25 2.42
N GLY A 359 18.59 -2.42 2.62
CA GLY A 359 19.56 -2.42 1.53
C GLY A 359 20.53 -1.28 1.62
N ASN A 360 20.95 -0.78 0.47
CA ASN A 360 21.90 0.32 0.42
C ASN A 360 21.24 1.65 0.09
N THR A 361 19.95 1.60 -0.27
CA THR A 361 19.24 2.79 -0.69
C THR A 361 17.80 2.77 -0.16
N PHE A 362 17.40 3.92 0.39
CA PHE A 362 16.02 4.19 0.77
C PHE A 362 15.71 5.63 0.43
N THR A 363 14.54 5.90 -0.16
CA THR A 363 14.09 7.25 -0.34
C THR A 363 12.58 7.38 -0.06
N THR A 364 12.19 8.57 0.39
CA THR A 364 10.79 8.89 0.49
C THR A 364 10.58 10.39 0.44
N SER A 365 9.47 10.79 -0.21
CA SER A 365 8.97 12.17 -0.06
C SER A 365 7.59 12.18 0.58
N PHE A 366 7.26 11.07 1.25
CA PHE A 366 6.01 10.97 2.00
C PHE A 366 4.78 10.97 1.08
N ASN A 367 4.98 10.43 -0.14
CA ASN A 367 3.87 10.43 -1.11
C ASN A 367 2.87 9.36 -0.72
N THR A 368 1.65 9.82 -0.37
CA THR A 368 0.58 8.93 0.08
C THR A 368 -0.31 8.49 -1.07
N GLY A 369 0.05 8.82 -2.29
CA GLY A 369 -0.72 8.38 -3.45
C GLY A 369 -1.90 9.25 -3.79
N HIS A 370 -2.02 10.37 -3.10
CA HIS A 370 -3.04 11.35 -3.44
C HIS A 370 -2.60 12.73 -2.95
N GLY A 371 -3.25 13.76 -3.47
CA GLY A 371 -2.95 15.08 -3.02
C GLY A 371 -3.98 16.09 -3.53
N LYS A 372 -3.92 17.30 -2.96
CA LYS A 372 -4.68 18.41 -3.49
C LYS A 372 -3.92 19.11 -4.62
N LYS A 373 -2.59 19.02 -4.57
CA LYS A 373 -1.69 19.50 -5.63
C LYS A 373 -0.54 18.49 -5.71
N TRP A 374 0.32 18.63 -6.73
CA TRP A 374 1.55 17.86 -6.81
C TRP A 374 2.70 18.86 -6.91
N PHE A 375 3.57 18.78 -5.90
CA PHE A 375 4.74 19.64 -5.76
C PHE A 375 5.98 18.98 -6.36
N VAL A 376 6.82 19.80 -7.01
CA VAL A 376 8.07 19.37 -7.60
C VAL A 376 9.18 20.27 -7.01
N ASP A 377 10.04 19.67 -6.22
CA ASP A 377 11.10 20.40 -5.51
C ASP A 377 10.56 21.66 -4.82
N GLY A 378 9.40 21.51 -4.19
CA GLY A 378 8.87 22.53 -3.33
C GLY A 378 8.01 23.55 -4.03
N LYS A 379 7.82 23.38 -5.36
CA LYS A 379 6.97 24.29 -6.15
C LYS A 379 5.72 23.59 -6.68
N VAL A 380 4.57 24.23 -6.62
CA VAL A 380 3.41 23.64 -7.24
C VAL A 380 3.66 23.38 -8.72
N SER A 381 3.38 22.15 -9.16
CA SER A 381 3.50 21.79 -10.59
C SER A 381 2.13 21.40 -11.12
N LYS A 382 1.49 20.42 -10.47
CA LYS A 382 0.08 20.14 -10.71
C LYS A 382 -0.77 20.91 -9.70
N ASP A 383 -1.55 21.87 -10.17
CA ASP A 383 -2.28 22.77 -9.26
C ASP A 383 -3.68 22.26 -8.97
N SER A 384 -3.89 20.96 -8.99
CA SER A 384 -5.23 20.40 -8.81
C SER A 384 -5.15 18.97 -8.28
N GLU A 385 -6.28 18.46 -7.85
CA GLU A 385 -6.31 17.23 -7.04
C GLU A 385 -6.10 15.95 -7.85
N TRP A 386 -5.66 14.92 -7.12
CA TRP A 386 -5.32 13.67 -7.79
C TRP A 386 -5.25 12.52 -6.78
N ASN A 387 -5.48 11.31 -7.33
CA ASN A 387 -5.08 10.09 -6.62
C ASN A 387 -4.55 9.13 -7.67
N TYR A 388 -3.30 8.73 -7.50
CA TYR A 388 -2.60 7.84 -8.45
C TYR A 388 -1.72 6.97 -7.58
N ARG A 389 -2.37 5.98 -6.93
CA ARG A 389 -1.69 5.25 -5.85
C ARG A 389 -0.48 4.41 -6.29
N SER A 390 -0.29 4.25 -7.59
CA SER A 390 0.88 3.54 -8.08
C SER A 390 2.15 4.23 -7.57
N VAL A 391 2.09 5.54 -7.31
CA VAL A 391 3.31 6.25 -6.85
C VAL A 391 3.38 6.35 -5.30
N SER A 392 2.48 5.69 -4.56
CA SER A 392 2.54 5.72 -3.10
C SER A 392 3.91 5.22 -2.65
N GLY A 393 4.49 5.98 -1.71
CA GLY A 393 5.79 5.69 -1.21
C GLY A 393 5.75 5.05 0.15
N VAL A 394 6.85 5.17 0.91
CA VAL A 394 6.99 4.53 2.19
C VAL A 394 6.88 5.62 3.27
N LEU A 395 5.75 5.61 3.99
CA LEU A 395 5.43 6.56 5.04
C LEU A 395 6.01 6.07 6.37
N PRO A 396 6.04 6.94 7.38
CA PRO A 396 6.75 6.55 8.59
C PRO A 396 6.26 5.25 9.24
N THR A 397 7.19 4.45 9.72
CA THR A 397 6.87 3.25 10.48
C THR A 397 6.01 3.54 11.69
N TRP A 398 6.34 4.66 12.34
CA TRP A 398 5.75 4.99 13.63
C TRP A 398 5.07 6.36 13.53
N ARG A 399 3.79 6.40 13.91
CA ARG A 399 2.98 7.63 13.82
C ARG A 399 2.17 7.81 15.08
N TRP A 400 2.76 8.30 16.17
CA TRP A 400 4.09 8.93 16.21
C TRP A 400 4.76 8.58 17.53
N TRP A 401 6.01 8.16 17.43
CA TRP A 401 6.84 7.77 18.57
C TRP A 401 7.64 9.01 19.01
N GLN A 402 7.18 9.65 20.09
CA GLN A 402 7.73 10.91 20.54
C GLN A 402 8.16 10.88 21.99
N THR A 403 9.28 11.53 22.28
CA THR A 403 9.65 11.77 23.65
C THR A 403 10.04 13.24 23.79
N SER A 404 9.84 13.79 24.98
CA SER A 404 10.14 15.21 25.19
C SER A 404 10.54 15.46 26.63
N THR A 405 11.38 16.45 26.86
CA THR A 405 11.62 16.96 28.24
C THR A 405 10.45 17.75 28.76
N GLY A 406 9.51 18.11 27.88
CA GLY A 406 8.33 18.82 28.21
C GLY A 406 7.18 18.40 27.31
N GLU A 407 6.56 19.39 26.67
CA GLU A 407 5.45 19.13 25.80
C GLU A 407 5.89 18.59 24.44
N LYS A 408 4.98 17.90 23.75
CA LYS A 408 5.25 17.32 22.44
C LYS A 408 4.60 18.10 21.30
N LEU A 409 5.38 18.39 20.27
CA LEU A 409 4.86 18.93 19.03
C LEU A 409 3.79 18.01 18.47
N ARG A 410 2.87 18.61 17.70
CA ARG A 410 1.90 17.84 16.96
C ARG A 410 2.52 17.46 15.60
N ALA A 411 2.44 16.19 15.26
CA ALA A 411 2.91 15.68 13.99
C ALA A 411 1.68 15.35 13.11
N GLU A 412 1.75 15.79 11.84
CA GLU A 412 0.71 15.49 10.89
C GLU A 412 1.21 15.56 9.44
N TYR A 413 0.45 14.97 8.53
CA TYR A 413 0.75 15.19 7.13
C TYR A 413 0.32 16.62 6.76
N ASP A 414 1.07 17.20 5.83
CA ASP A 414 0.76 18.56 5.37
C ASP A 414 0.48 18.52 3.86
N PHE A 415 -0.79 18.59 3.50
CA PHE A 415 -1.21 18.65 2.11
C PHE A 415 -1.21 20.07 1.53
N THR A 416 -0.83 21.06 2.34
CA THR A 416 -0.78 22.44 1.88
C THR A 416 0.59 22.80 1.29
N ASP A 417 1.60 22.03 1.66
CA ASP A 417 2.96 22.34 1.26
C ASP A 417 3.76 21.03 1.28
N ALA A 418 4.53 20.77 0.23
CA ALA A 418 5.29 19.55 0.06
C ALA A 418 6.52 19.81 -0.76
N TYR A 419 7.48 18.89 -0.66
CA TYR A 419 8.67 18.97 -1.49
C TYR A 419 8.45 18.22 -2.80
N ASN A 420 8.07 16.95 -2.72
CA ASN A 420 7.76 16.17 -3.94
C ASN A 420 6.54 15.37 -3.69
N GLY A 421 5.56 15.50 -4.57
CA GLY A 421 4.31 14.80 -4.41
C GLY A 421 3.23 15.63 -3.75
N GLY A 422 2.33 14.96 -3.04
CA GLY A 422 1.15 15.65 -2.50
C GLY A 422 1.24 16.15 -1.06
N ASN A 423 2.24 15.69 -0.29
CA ASN A 423 2.31 16.12 1.11
C ASN A 423 3.72 15.95 1.71
N SER A 424 3.96 16.78 2.74
CA SER A 424 5.14 16.62 3.56
C SER A 424 4.67 16.17 4.94
N LEU A 425 5.62 16.10 5.87
CA LEU A 425 5.32 15.95 7.31
C LEU A 425 5.51 17.31 7.98
N LYS A 426 4.56 17.69 8.83
CA LYS A 426 4.61 18.95 9.60
C LYS A 426 4.67 18.63 11.09
N PHE A 427 5.51 19.39 11.80
CA PHE A 427 5.66 19.27 13.23
C PHE A 427 5.44 20.67 13.80
N SER A 428 4.40 20.85 14.61
CA SER A 428 4.00 22.20 14.95
C SER A 428 3.38 22.28 16.31
N GLY A 429 3.38 23.49 16.83
CA GLY A 429 2.74 23.73 18.10
C GLY A 429 3.28 24.99 18.75
N ASP A 430 2.61 25.44 19.81
CA ASP A 430 3.17 26.44 20.69
C ASP A 430 4.17 25.76 21.59
N VAL A 431 5.41 26.25 21.55
CA VAL A 431 6.46 25.74 22.45
C VAL A 431 6.48 26.65 23.64
N ALA A 432 6.28 26.06 24.83
CA ALA A 432 6.06 26.84 26.03
C ALA A 432 7.30 27.39 26.69
N GLY A 433 8.45 26.82 26.35
CA GLY A 433 9.72 27.20 26.97
C GLY A 433 10.79 26.24 26.50
N LYS A 434 11.99 26.32 27.08
CA LYS A 434 13.12 25.47 26.71
C LYS A 434 12.64 24.00 26.75
N THR A 435 12.87 23.31 25.64
CA THR A 435 12.45 21.93 25.43
C THR A 435 13.44 21.24 24.48
N ASP A 436 13.67 19.95 24.73
CA ASP A 436 14.35 19.03 23.80
C ASP A 436 13.37 17.88 23.56
N GLN A 437 13.22 17.44 22.31
CA GLN A 437 12.26 16.39 21.99
C GLN A 437 12.58 15.72 20.69
N ASP A 438 12.07 14.51 20.53
CA ASP A 438 12.33 13.77 19.30
C ASP A 438 11.08 13.12 18.73
N VAL A 439 11.21 12.75 17.46
CA VAL A 439 10.20 12.02 16.74
C VAL A 439 10.92 10.91 15.96
N ARG A 440 10.70 9.66 16.40
CA ARG A 440 11.33 8.50 15.80
C ARG A 440 10.46 8.03 14.65
N LEU A 441 11.00 8.06 13.42
CA LEU A 441 10.14 7.98 12.21
C LEU A 441 10.16 6.63 11.50
N TYR A 442 11.36 6.09 11.27
CA TYR A 442 11.50 4.88 10.46
C TYR A 442 12.31 3.82 11.17
N SER A 443 11.82 2.58 11.05
CA SER A 443 12.62 1.37 11.24
C SER A 443 13.25 1.04 9.88
N THR A 444 14.54 0.69 9.89
CA THR A 444 15.30 0.44 8.67
C THR A 444 16.33 -0.68 8.87
N LYS A 445 17.00 -1.09 7.79
CA LYS A 445 18.23 -1.88 7.92
C LYS A 445 19.04 -1.55 6.67
N LEU A 446 19.75 -0.42 6.78
CA LEU A 446 20.44 0.19 5.66
C LEU A 446 21.96 0.09 5.88
N GLU A 447 22.66 -0.52 4.94
CA GLU A 447 24.11 -0.73 5.06
C GLU A 447 24.85 0.50 4.54
N VAL A 448 25.81 1.00 5.34
CA VAL A 448 26.53 2.20 5.03
C VAL A 448 27.88 1.81 4.47
N THR A 449 28.26 2.49 3.40
CA THR A 449 29.58 2.31 2.77
C THR A 449 30.24 3.69 2.65
N GLU A 450 31.47 3.72 2.13
CA GLU A 450 32.17 4.99 1.97
C GLU A 450 31.44 5.98 1.07
N LYS A 451 30.54 5.48 0.20
CA LYS A 451 29.84 6.32 -0.74
C LYS A 451 28.43 6.76 -0.26
N THR A 452 28.06 6.34 0.94
CA THR A 452 26.71 6.62 1.41
C THR A 452 26.56 8.09 1.82
N LYS A 453 25.43 8.69 1.38
CA LYS A 453 25.09 10.05 1.71
C LYS A 453 23.66 10.07 2.23
N LEU A 454 23.36 11.14 2.97
CA LEU A 454 22.01 11.48 3.41
C LEU A 454 21.58 12.73 2.65
N ARG A 455 20.40 12.70 2.03
CA ARG A 455 19.82 13.91 1.49
C ARG A 455 18.50 14.18 2.19
N VAL A 456 18.33 15.39 2.69
CA VAL A 456 17.16 15.77 3.46
C VAL A 456 16.61 17.08 2.92
N ALA A 457 15.35 17.06 2.51
CA ALA A 457 14.63 18.28 2.16
C ALA A 457 13.74 18.72 3.31
N HIS A 458 13.80 20.01 3.65
CA HIS A 458 13.07 20.49 4.85
C HIS A 458 12.83 21.98 4.70
N LYS A 459 11.97 22.49 5.58
CA LYS A 459 11.54 23.85 5.53
C LYS A 459 11.10 24.32 6.89
N GLY A 460 11.36 25.60 7.18
CA GLY A 460 10.94 26.14 8.49
C GLY A 460 11.87 25.75 9.62
N GLY A 461 11.30 25.67 10.83
CA GLY A 461 12.11 25.49 12.03
C GLY A 461 12.60 26.74 12.71
N LYS A 462 12.10 27.89 12.27
CA LYS A 462 12.54 29.12 12.93
C LYS A 462 12.27 29.02 14.45
N GLY A 463 13.28 29.41 15.23
CA GLY A 463 13.17 29.33 16.68
C GLY A 463 13.65 28.03 17.29
N SER A 464 14.38 27.24 16.50
CA SER A 464 14.89 25.96 16.98
C SER A 464 16.20 25.62 16.31
N LYS A 465 16.82 24.55 16.82
CA LYS A 465 17.79 23.73 16.06
C LYS A 465 17.13 22.38 15.84
N VAL A 466 17.30 21.85 14.63
CA VAL A 466 16.75 20.56 14.25
C VAL A 466 17.87 19.70 13.73
N TYR A 467 17.85 18.42 14.13
CA TYR A 467 18.83 17.45 13.73
C TYR A 467 18.15 16.19 13.23
N MET A 468 18.81 15.48 12.30
CA MET A 468 18.42 14.11 11.98
CA MET A 468 18.41 14.12 11.93
C MET A 468 19.45 13.17 12.58
N ALA A 469 18.99 12.10 13.23
CA ALA A 469 19.85 11.17 13.89
C ALA A 469 19.47 9.75 13.49
N PHE A 470 20.47 8.90 13.47
CA PHE A 470 20.31 7.48 13.09
C PHE A 470 20.72 6.62 14.28
N SER A 471 20.04 5.49 14.42
CA SER A 471 20.48 4.41 15.32
C SER A 471 21.26 3.41 14.51
N THR A 472 22.42 2.99 15.06
CA THR A 472 23.25 1.99 14.41
C THR A 472 23.18 0.67 15.16
N THR A 473 22.18 0.51 16.03
CA THR A 473 21.93 -0.78 16.67
C THR A 473 20.47 -1.22 16.54
N PRO A 474 20.23 -2.53 16.50
CA PRO A 474 18.85 -3.00 16.28
C PRO A 474 17.87 -2.64 17.35
N ASP A 475 18.33 -2.31 18.58
CA ASP A 475 17.42 -1.88 19.65
C ASP A 475 17.18 -0.36 19.68
N TYR A 476 17.58 0.33 18.62
CA TYR A 476 17.19 1.70 18.37
C TYR A 476 17.79 2.70 19.40
N LYS A 477 19.05 2.49 19.80
CA LYS A 477 19.75 3.52 20.59
C LYS A 477 20.39 4.53 19.65
N PHE A 478 20.35 5.80 20.01
CA PHE A 478 20.91 6.91 19.23
C PHE A 478 22.11 7.53 19.95
N ASP A 479 23.06 6.65 20.26
CA ASP A 479 24.28 6.99 21.02
C ASP A 479 25.55 7.13 20.17
N ASP A 480 25.41 7.16 18.85
CA ASP A 480 26.57 7.20 17.95
C ASP A 480 26.79 8.65 17.47
N ALA A 481 27.89 9.30 17.92
CA ALA A 481 28.12 10.69 17.59
C ALA A 481 28.25 10.96 16.11
N ASP A 482 28.59 9.95 15.34
CA ASP A 482 28.80 10.11 13.91
C ASP A 482 27.48 9.97 13.18
N ALA A 483 26.40 9.76 13.93
CA ALA A 483 25.08 9.52 13.34
C ALA A 483 24.08 10.64 13.70
N TRP A 484 24.59 11.82 14.05
CA TRP A 484 23.79 13.03 14.25
C TRP A 484 24.20 14.08 13.24
N LYS A 485 23.22 14.68 12.56
CA LYS A 485 23.46 15.74 11.61
C LYS A 485 22.55 16.95 11.85
N GLU A 486 23.13 18.13 12.06
CA GLU A 486 22.34 19.32 12.24
C GLU A 486 21.86 19.85 10.89
N LEU A 487 20.56 20.17 10.80
CA LEU A 487 20.01 20.78 9.61
C LEU A 487 20.23 22.29 9.61
N THR A 488 20.48 22.84 8.43
CA THR A 488 20.68 24.29 8.29
C THR A 488 19.34 24.86 7.88
N LEU A 489 18.66 25.51 8.83
CA LEU A 489 17.28 25.85 8.63
C LEU A 489 17.14 27.13 7.87
N SER A 490 16.03 27.22 7.17
CA SER A 490 15.63 28.46 6.54
C SER A 490 14.13 28.41 6.31
N ASP A 491 13.58 29.51 5.83
CA ASP A 491 12.17 29.69 5.72
C ASP A 491 11.65 29.08 4.43
N ASN A 492 12.55 28.67 3.52
CA ASN A 492 12.16 28.09 2.24
C ASN A 492 12.56 26.62 2.18
N TRP A 493 11.99 25.85 1.26
CA TRP A 493 12.49 24.49 1.07
C TRP A 493 13.96 24.51 0.67
N THR A 494 14.76 23.70 1.34
CA THR A 494 16.14 23.40 0.93
C THR A 494 16.34 21.90 0.97
N ASN A 495 17.27 21.40 0.17
CA ASN A 495 17.60 19.99 0.12
C ASN A 495 19.09 19.90 0.34
N GLU A 496 19.48 19.37 1.48
CA GLU A 496 20.88 19.31 1.90
C GLU A 496 21.43 17.90 1.88
N GLU A 497 22.71 17.75 1.59
CA GLU A 497 23.36 16.45 1.55
C GLU A 497 24.45 16.42 2.63
N PHE A 498 24.55 15.28 3.29
CA PHE A 498 25.55 14.98 4.31
C PHE A 498 26.29 13.72 3.96
N ASP A 499 27.59 13.74 4.21
CA ASP A 499 28.45 12.60 3.99
C ASP A 499 28.26 11.66 5.17
N LEU A 500 27.94 10.39 4.89
CA LEU A 500 27.85 9.37 5.94
C LEU A 500 29.02 8.40 5.97
N SER A 501 30.09 8.75 5.27
CA SER A 501 31.25 7.86 5.17
C SER A 501 31.86 7.49 6.51
N SER A 502 31.73 8.37 7.51
CA SER A 502 32.30 8.02 8.84
C SER A 502 31.58 6.84 9.47
N LEU A 503 30.39 6.52 8.96
CA LEU A 503 29.63 5.36 9.41
C LEU A 503 29.84 4.13 8.54
N ALA A 504 30.80 4.18 7.61
CA ALA A 504 31.02 3.03 6.73
C ALA A 504 31.21 1.74 7.54
N GLY A 505 30.57 0.66 7.07
CA GLY A 505 30.64 -0.64 7.69
C GLY A 505 29.56 -0.86 8.74
N LYS A 506 28.96 0.23 9.21
CA LYS A 506 27.83 0.14 10.11
C LYS A 506 26.49 -0.03 9.35
N THR A 507 25.45 -0.32 10.12
CA THR A 507 24.09 -0.47 9.63
C THR A 507 23.20 0.53 10.35
N ILE A 508 22.36 1.22 9.59
CA ILE A 508 21.36 2.14 10.19
C ILE A 508 20.03 1.38 10.39
N TYR A 509 19.56 1.39 11.64
CA TYR A 509 18.33 0.72 12.03
C TYR A 509 17.12 1.58 12.30
N ALA A 510 17.37 2.89 12.47
CA ALA A 510 16.28 3.81 12.63
C ALA A 510 16.70 5.22 12.33
N VAL A 511 15.69 6.05 12.06
CA VAL A 511 15.86 7.45 11.73
C VAL A 511 14.93 8.26 12.61
N LYS A 512 15.45 9.34 13.21
CA LYS A 512 14.61 10.24 14.01
C LYS A 512 14.96 11.69 13.73
N LEU A 513 14.01 12.57 14.05
CA LEU A 513 14.25 14.01 14.16
C LEU A 513 14.42 14.36 15.63
N PHE A 514 15.26 15.37 15.87
CA PHE A 514 15.46 15.89 17.23
C PHE A 514 15.40 17.41 17.19
N PHE A 515 14.63 18.00 18.11
CA PHE A 515 14.37 19.44 18.14
C PHE A 515 14.84 20.02 19.46
N GLU A 516 15.55 21.15 19.37
CA GLU A 516 15.91 21.92 20.54
C GLU A 516 15.31 23.30 20.42
N HIS A 517 14.57 23.70 21.45
CA HIS A 517 14.09 25.06 21.58
C HIS A 517 14.65 25.66 22.83
N GLU A 518 15.25 26.85 22.73
CA GLU A 518 15.86 27.47 23.91
C GLU A 518 14.90 28.29 24.73
N GLY A 519 13.72 28.60 24.19
CA GLY A 519 12.70 29.34 24.91
C GLY A 519 11.36 29.19 24.19
N ALA A 520 10.37 29.98 24.58
CA ALA A 520 9.02 29.87 24.03
C ALA A 520 9.00 30.27 22.58
N VAL A 521 8.17 29.61 21.78
CA VAL A 521 7.96 29.95 20.37
C VAL A 521 6.51 29.70 20.07
N LYS A 522 5.76 30.76 19.82
CA LYS A 522 4.37 30.65 19.39
C LYS A 522 4.28 30.10 17.97
N ASP A 523 3.40 29.15 17.77
CA ASP A 523 3.14 28.55 16.43
C ASP A 523 4.43 28.22 15.70
N TYR A 524 5.24 27.45 16.41
CA TYR A 524 6.40 26.85 15.78
C TYR A 524 5.96 25.90 14.65
N GLN A 525 6.75 25.85 13.59
CA GLN A 525 6.52 24.85 12.55
C GLN A 525 7.78 24.49 11.81
N PHE A 526 7.92 23.17 11.61
CA PHE A 526 9.01 22.61 10.80
C PHE A 526 8.38 21.54 9.89
N ASN A 527 8.82 21.48 8.64
CA ASN A 527 8.33 20.46 7.71
C ASN A 527 9.51 19.65 7.24
N LEU A 528 9.29 18.33 7.16
CA LEU A 528 10.23 17.38 6.54
C LEU A 528 9.56 16.96 5.22
N GLY A 529 10.29 17.14 4.11
CA GLY A 529 9.78 16.90 2.77
C GLY A 529 10.38 15.75 2.00
N GLN A 530 11.61 15.37 2.30
CA GLN A 530 12.22 14.25 1.63
C GLN A 530 13.35 13.72 2.48
N LEU A 531 13.50 12.39 2.45
CA LEU A 531 14.56 11.69 3.18
C LEU A 531 15.15 10.63 2.27
N THR A 532 16.47 10.65 2.04
CA THR A 532 17.13 9.64 1.22
C THR A 532 18.48 9.25 1.89
N ILE A 533 18.71 7.95 2.02
CA ILE A 533 19.96 7.41 2.47
C ILE A 533 20.38 6.51 1.34
N SER A 534 21.50 6.79 0.67
CA SER A 534 21.88 6.02 -0.52
C SER A 534 23.35 6.15 -0.85
N ASP A 535 23.90 5.10 -1.42
CA ASP A 535 25.26 5.17 -1.99
C ASP A 535 25.29 5.50 -3.48
N ASN A 536 24.14 5.92 -4.02
CA ASN A 536 23.99 6.32 -5.38
C ASN A 536 23.50 7.77 -5.45
N HIS A 537 24.33 8.67 -5.99
CA HIS A 537 23.93 10.06 -6.11
C HIS A 537 23.60 10.45 -7.56
N GLN A 538 23.61 9.48 -8.46
CA GLN A 538 23.51 9.79 -9.89
C GLN A 538 22.08 9.98 -10.35
N GLU A 539 21.86 10.84 -11.35
CA GLU A 539 20.57 10.87 -12.03
C GLU A 539 20.34 9.55 -12.70
N PRO A 540 19.11 8.99 -12.60
CA PRO A 540 18.81 7.85 -13.46
C PRO A 540 18.82 8.27 -14.93
N GLN A 541 19.02 7.33 -15.83
CA GLN A 541 18.99 7.66 -17.23
C GLN A 541 17.57 8.12 -17.61
N SER A 542 17.46 9.01 -18.58
CA SER A 542 16.19 9.47 -19.08
C SER A 542 15.47 8.32 -19.78
N PRO A 543 14.11 8.32 -19.71
CA PRO A 543 13.36 7.39 -20.53
C PRO A 543 13.70 7.55 -22.00
N THR A 544 13.51 6.49 -22.77
CA THR A 544 13.76 6.51 -24.20
C THR A 544 12.51 6.07 -24.95
N SER A 545 12.57 6.23 -26.28
CA SER A 545 11.46 5.77 -27.14
C SER A 545 10.08 6.22 -26.60
N PHE A 546 9.96 7.51 -26.32
CA PHE A 546 8.75 8.11 -25.75
C PHE A 546 7.89 8.61 -26.88
N SER A 547 6.62 8.25 -26.84
CA SER A 547 5.67 8.76 -27.83
C SER A 547 4.25 8.72 -27.31
N VAL A 548 3.37 9.49 -27.98
CA VAL A 548 1.95 9.42 -27.74
C VAL A 548 1.48 8.29 -28.64
N VAL A 549 1.00 7.21 -28.02
CA VAL A 549 0.53 6.04 -28.80
C VAL A 549 -0.95 6.03 -29.09
N LYS A 550 -1.73 6.77 -28.32
CA LYS A 550 -3.17 6.93 -28.59
C LYS A 550 -3.62 8.29 -28.16
N GLN A 551 -4.64 8.84 -28.82
CA GLN A 551 -5.20 10.12 -28.38
C GLN A 551 -6.64 10.26 -28.81
N SER A 552 -7.41 11.06 -28.06
CA SER A 552 -8.82 11.34 -28.36
C SER A 552 -9.13 12.76 -27.96
N LEU A 553 -9.28 13.66 -28.95
CA LEU A 553 -9.60 15.03 -28.67
C LEU A 553 -11.06 15.11 -28.24
N LYS A 554 -11.31 15.91 -27.21
CA LYS A 554 -12.64 16.37 -26.81
C LYS A 554 -12.95 17.65 -27.60
N ASN A 555 -11.97 18.54 -27.70
CA ASN A 555 -12.09 19.76 -28.49
C ASN A 555 -10.66 20.26 -28.71
N ALA A 556 -10.47 21.47 -29.26
CA ALA A 556 -9.13 21.94 -29.55
C ALA A 556 -8.32 22.28 -28.31
N GLN A 557 -8.93 22.27 -27.11
CA GLN A 557 -8.23 22.62 -25.85
C GLN A 557 -8.14 21.46 -24.85
N GLU A 558 -8.73 20.32 -25.16
CA GLU A 558 -8.83 19.19 -24.19
C GLU A 558 -8.76 17.85 -24.92
N ALA A 559 -7.88 16.93 -24.47
CA ALA A 559 -7.78 15.61 -25.08
C ALA A 559 -7.40 14.59 -24.01
N GLU A 560 -7.75 13.36 -24.27
CA GLU A 560 -7.14 12.22 -23.58
C GLU A 560 -5.97 11.70 -24.42
N ALA A 561 -4.99 11.07 -23.76
CA ALA A 561 -3.88 10.46 -24.43
C ALA A 561 -3.40 9.25 -23.65
N VAL A 562 -2.67 8.39 -24.34
CA VAL A 562 -1.84 7.34 -23.70
C VAL A 562 -0.42 7.52 -24.28
N VAL A 563 0.55 7.58 -23.37
CA VAL A 563 1.93 7.65 -23.72
C VAL A 563 2.67 6.39 -23.29
N GLN A 564 3.75 6.12 -23.99
CA GLN A 564 4.55 4.94 -23.71
C GLN A 564 6.02 5.28 -23.93
N PHE A 565 6.87 4.59 -23.18
CA PHE A 565 8.31 4.82 -23.25
C PHE A 565 9.02 3.56 -22.73
N LYS A 566 10.34 3.54 -22.88
CA LYS A 566 11.17 2.52 -22.26
C LYS A 566 11.86 3.17 -21.08
N GLY A 567 11.87 2.49 -19.92
CA GLY A 567 12.49 3.03 -18.73
C GLY A 567 13.73 2.25 -18.42
N ASN A 568 14.07 2.15 -17.14
CA ASN A 568 15.28 1.47 -16.71
C ASN A 568 15.13 1.06 -15.24
N LYS A 569 16.04 0.18 -14.79
CA LYS A 569 15.94 -0.42 -13.48
C LYS A 569 16.16 0.55 -12.32
N ASP A 570 16.71 1.74 -12.59
CA ASP A 570 16.98 2.69 -11.53
C ASP A 570 15.75 3.53 -11.24
N ALA A 571 14.75 3.47 -12.11
CA ALA A 571 13.55 4.30 -11.91
C ALA A 571 12.62 3.64 -10.89
N ASP A 572 12.17 4.44 -9.95
CA ASP A 572 11.13 3.98 -8.99
C ASP A 572 9.76 4.19 -9.66
N PHE A 573 9.55 5.36 -10.27
CA PHE A 573 8.34 5.70 -10.97
C PHE A 573 8.65 6.85 -11.92
N TYR A 574 7.63 7.23 -12.68
CA TYR A 574 7.76 8.23 -13.73
C TYR A 574 6.71 9.33 -13.54
N GLU A 575 7.07 10.54 -13.94
CA GLU A 575 6.15 11.70 -13.96
C GLU A 575 6.01 12.19 -15.42
N VAL A 576 4.76 12.50 -15.81
CA VAL A 576 4.49 13.03 -17.15
C VAL A 576 3.94 14.45 -16.98
N TYR A 577 4.46 15.37 -17.79
CA TYR A 577 4.11 16.79 -17.76
C TYR A 577 3.69 17.28 -19.14
N GLU A 578 2.93 18.38 -19.15
CA GLU A 578 2.73 19.12 -20.39
C GLU A 578 3.32 20.51 -20.27
N LYS A 579 3.65 21.07 -21.44
CA LYS A 579 4.07 22.47 -21.49
C LYS A 579 2.81 23.30 -21.75
N ASP A 580 2.46 24.12 -20.78
CA ASP A 580 1.28 24.99 -20.83
C ASP A 580 1.82 26.42 -20.88
N GLY A 581 1.86 27.00 -22.07
CA GLY A 581 2.51 28.29 -22.26
C GLY A 581 3.99 28.21 -21.96
N ASP A 582 4.43 29.03 -21.00
CA ASP A 582 5.83 29.10 -20.63
C ASP A 582 6.22 28.18 -19.48
N SER A 583 5.30 27.33 -19.02
CA SER A 583 5.53 26.55 -17.81
C SER A 583 5.22 25.07 -18.02
N TRP A 584 6.09 24.22 -17.49
CA TRP A 584 5.78 22.80 -17.39
C TRP A 584 4.87 22.51 -16.21
N LYS A 585 3.84 21.70 -16.45
CA LYS A 585 2.89 21.33 -15.43
C LYS A 585 2.72 19.81 -15.40
N LEU A 586 2.93 19.23 -14.21
CA LEU A 586 2.78 17.80 -14.05
C LEU A 586 1.32 17.39 -14.26
N LEU A 587 1.11 16.30 -15.00
CA LEU A 587 -0.20 15.74 -15.26
C LEU A 587 -0.49 14.55 -14.34
N THR A 588 0.42 13.58 -14.31
CA THR A 588 0.23 12.38 -13.51
C THR A 588 1.58 11.74 -13.25
N GLY A 589 1.56 10.67 -12.45
CA GLY A 589 2.76 9.85 -12.24
C GLY A 589 2.32 8.39 -12.18
N SER A 590 3.25 7.48 -12.49
CA SER A 590 2.94 6.07 -12.51
C SER A 590 4.22 5.27 -12.37
N SER A 591 4.11 4.07 -11.77
CA SER A 591 5.23 3.18 -11.81
C SER A 591 5.46 2.50 -13.16
N SER A 592 4.44 2.58 -14.01
CA SER A 592 4.47 1.94 -15.34
C SER A 592 5.11 2.77 -16.42
N THR A 593 5.51 2.08 -17.47
CA THR A 593 5.97 2.71 -18.70
C THR A 593 4.89 2.96 -19.77
N THR A 594 3.64 2.64 -19.46
CA THR A 594 2.48 3.09 -20.24
C THR A 594 1.57 3.86 -19.31
N ILE A 595 1.24 5.10 -19.69
CA ILE A 595 0.55 6.03 -18.81
C ILE A 595 -0.60 6.73 -19.52
N TYR A 596 -1.76 6.69 -18.88
CA TYR A 596 -2.95 7.38 -19.34
C TYR A 596 -2.97 8.84 -18.83
N LEU A 597 -3.27 9.76 -19.75
CA LEU A 597 -3.43 11.17 -19.47
C LEU A 597 -4.89 11.56 -19.70
N PRO A 598 -5.66 11.72 -18.62
CA PRO A 598 -7.08 12.00 -18.79
C PRO A 598 -7.35 13.39 -19.40
N LYS A 599 -6.42 14.31 -19.21
CA LYS A 599 -6.60 15.68 -19.70
C LYS A 599 -5.28 16.32 -20.08
N VAL A 600 -5.01 16.33 -21.39
CA VAL A 600 -4.00 17.21 -21.94
C VAL A 600 -4.75 18.46 -22.36
N SER A 601 -4.28 19.64 -21.97
CA SER A 601 -5.06 20.83 -22.17
C SER A 601 -4.21 22.00 -22.57
N ARG A 602 -4.84 22.93 -23.29
CA ARG A 602 -4.22 24.15 -23.76
C ARG A 602 -5.15 25.32 -23.41
N SER A 603 -4.61 26.52 -23.20
CA SER A 603 -5.43 27.71 -22.89
C SER A 603 -5.95 28.34 -24.20
N ALA A 604 -6.83 29.33 -24.02
CA ALA A 604 -7.44 30.00 -25.16
C ALA A 604 -6.40 30.75 -25.99
N SER A 605 -5.30 31.14 -25.35
CA SER A 605 -4.25 31.92 -26.00
C SER A 605 -3.11 31.05 -26.54
N ALA A 606 -3.27 29.73 -26.48
CA ALA A 606 -2.21 28.85 -26.94
C ALA A 606 -1.93 29.04 -28.43
N GLN A 607 -0.67 28.97 -28.78
CA GLN A 607 -0.23 29.15 -30.15
C GLN A 607 0.06 27.84 -30.83
N GLY A 608 -0.22 27.75 -32.11
CA GLY A 608 0.17 26.62 -32.94
C GLY A 608 -0.75 25.44 -32.80
N THR A 609 -0.31 24.36 -33.44
CA THR A 609 -1.10 23.16 -33.59
C THR A 609 -0.53 21.99 -32.79
N THR A 610 0.59 22.21 -32.09
CA THR A 610 1.25 21.13 -31.34
C THR A 610 1.63 21.61 -29.96
N GLN A 611 1.92 20.64 -29.07
CA GLN A 611 2.22 20.95 -27.67
C GLN A 611 3.19 19.88 -27.15
N GLU A 612 4.24 20.31 -26.46
CA GLU A 612 5.22 19.40 -25.93
C GLU A 612 4.76 18.72 -24.63
N LEU A 613 5.16 17.46 -24.52
CA LEU A 613 5.00 16.64 -23.32
C LEU A 613 6.37 16.14 -22.92
N LYS A 614 6.55 15.84 -21.62
CA LYS A 614 7.82 15.25 -21.20
C LYS A 614 7.59 14.21 -20.13
N VAL A 615 8.52 13.26 -20.06
CA VAL A 615 8.48 12.26 -18.99
C VAL A 615 9.82 12.27 -18.28
N VAL A 616 9.75 12.10 -16.95
CA VAL A 616 10.92 12.08 -16.10
C VAL A 616 10.89 10.82 -15.26
N ALA A 617 12.04 10.13 -15.16
CA ALA A 617 12.20 9.02 -14.21
C ALA A 617 12.60 9.59 -12.86
N VAL A 618 11.89 9.19 -11.80
CA VAL A 618 12.29 9.53 -10.44
C VAL A 618 12.99 8.30 -9.85
N GLY A 619 14.27 8.46 -9.53
CA GLY A 619 15.08 7.34 -9.12
C GLY A 619 14.67 6.72 -7.81
N LYS A 620 15.06 5.48 -7.64
CA LYS A 620 14.98 4.87 -6.30
CA LYS A 620 15.01 4.82 -6.33
C LYS A 620 15.89 5.59 -5.32
N ASN A 621 16.85 6.38 -5.84
CA ASN A 621 17.67 7.23 -4.97
C ASN A 621 17.11 8.65 -4.81
N GLY A 622 15.88 8.84 -5.27
CA GLY A 622 15.18 10.12 -5.11
C GLY A 622 15.51 11.19 -6.15
N VAL A 623 16.46 10.89 -7.03
CA VAL A 623 16.91 11.92 -8.02
C VAL A 623 16.17 11.79 -9.33
N ARG A 624 15.74 12.93 -9.91
CA ARG A 624 15.12 12.92 -11.21
C ARG A 624 16.11 12.79 -12.38
N SER A 625 15.74 12.02 -13.39
CA SER A 625 16.45 12.01 -14.67
C SER A 625 16.22 13.32 -15.40
N GLU A 626 17.05 13.51 -16.43
CA GLU A 626 16.72 14.48 -17.46
C GLU A 626 15.43 14.06 -18.14
N ALA A 627 14.68 15.02 -18.69
CA ALA A 627 13.40 14.70 -19.34
C ALA A 627 13.60 14.11 -20.71
N ALA A 628 12.69 13.21 -21.06
CA ALA A 628 12.46 12.86 -22.48
C ALA A 628 11.24 13.62 -22.94
N THR A 629 11.30 14.14 -24.15
CA THR A 629 10.21 14.95 -24.68
C THR A 629 9.62 14.34 -25.96
N THR A 630 8.35 14.65 -26.20
CA THR A 630 7.66 14.35 -27.43
C THR A 630 6.64 15.44 -27.70
N THR A 631 6.06 15.42 -28.88
CA THR A 631 5.13 16.46 -29.32
C THR A 631 3.76 15.87 -29.57
N PHE A 632 2.77 16.39 -28.83
CA PHE A 632 1.37 16.06 -29.03
C PHE A 632 0.82 16.93 -30.15
N ASP A 633 0.24 16.28 -31.15
CA ASP A 633 -0.27 16.99 -32.34
C ASP A 633 -1.77 17.15 -32.23
N TRP A 634 -2.22 18.38 -31.95
CA TRP A 634 -3.65 18.65 -31.91
C TRP A 634 -4.28 18.67 -33.29
N GLY A 635 -3.46 18.97 -34.30
CA GLY A 635 -3.94 19.04 -35.67
C GLY A 635 -4.78 20.26 -35.99
N MET A 636 -4.79 21.25 -35.10
CA MET A 636 -5.61 22.45 -35.24
C MET A 636 -5.15 23.47 -34.20
N THR A 637 -5.40 24.77 -34.44
CA THR A 637 -5.20 25.76 -33.41
C THR A 637 -6.43 25.86 -32.54
N VAL A 638 -6.37 26.61 -31.46
CA VAL A 638 -7.52 26.76 -30.58
C VAL A 638 -8.57 27.67 -31.22
N LYS A 639 -8.14 28.56 -32.11
CA LYS A 639 -9.05 29.56 -32.77
C LYS A 639 -9.58 29.10 -34.15
N ASP A 640 -9.06 28.02 -34.73
CA ASP A 640 -9.54 27.51 -36.04
C ASP A 640 -11.03 27.20 -35.98
N THR A 641 -11.52 26.79 -34.89
C22 1PE B . -8.67 -34.38 16.82
OH3 1PE B . -7.99 -34.74 18.03
C13 1PE B . -7.34 -36.55 19.50
C23 1PE B . -8.06 -36.20 18.22
OH4 1PE B . -8.06 -36.02 20.58
C14 1PE B . -8.16 -35.77 22.97
C24 1PE B . -7.40 -36.41 21.79
OH5 1PE B . -7.85 -34.37 22.96
#